data_7OZZ
# 
_entry.id   7OZZ 
# 
_audit_conform.dict_name       mmcif_pdbx.dic 
_audit_conform.dict_version    5.385 
_audit_conform.dict_location   http://mmcif.pdb.org/dictionaries/ascii/mmcif_pdbx.dic 
# 
loop_
_database_2.database_id 
_database_2.database_code 
_database_2.pdbx_database_accession 
_database_2.pdbx_DOI 
PDB   7OZZ         pdb_00007ozz 10.2210/pdb7ozz/pdb 
WWPDB D_1292116729 ?            ?                   
# 
loop_
_pdbx_audit_revision_history.ordinal 
_pdbx_audit_revision_history.data_content_type 
_pdbx_audit_revision_history.major_revision 
_pdbx_audit_revision_history.minor_revision 
_pdbx_audit_revision_history.revision_date 
1 'Structure model' 1 0 2022-08-03 
2 'Structure model' 2 0 2023-03-15 
3 'Structure model' 2 1 2024-02-07 
# 
_pdbx_audit_revision_details.ordinal             1 
_pdbx_audit_revision_details.revision_ordinal    1 
_pdbx_audit_revision_details.data_content_type   'Structure model' 
_pdbx_audit_revision_details.provider            repository 
_pdbx_audit_revision_details.type                'Initial release' 
_pdbx_audit_revision_details.description         ? 
_pdbx_audit_revision_details.details             ? 
# 
loop_
_pdbx_audit_revision_group.ordinal 
_pdbx_audit_revision_group.revision_ordinal 
_pdbx_audit_revision_group.data_content_type 
_pdbx_audit_revision_group.group 
1 2 'Structure model' 'Atomic model'            
2 2 'Structure model' 'Derived calculations'    
3 2 'Structure model' 'Non-polymer description' 
4 2 'Structure model' 'Polymer sequence'        
5 2 'Structure model' 'Structure summary'       
6 3 'Structure model' 'Data collection'         
7 3 'Structure model' 'Refinement description'  
# 
loop_
_pdbx_audit_revision_category.ordinal 
_pdbx_audit_revision_category.revision_ordinal 
_pdbx_audit_revision_category.data_content_type 
_pdbx_audit_revision_category.category 
1 2 'Structure model' atom_site                     
2 2 'Structure model' chem_comp                     
3 2 'Structure model' entity                        
4 2 'Structure model' entity_poly                   
5 2 'Structure model' struct_conn                   
6 3 'Structure model' chem_comp_atom                
7 3 'Structure model' chem_comp_bond                
8 3 'Structure model' pdbx_initial_refinement_model 
# 
loop_
_pdbx_audit_revision_item.ordinal 
_pdbx_audit_revision_item.revision_ordinal 
_pdbx_audit_revision_item.data_content_type 
_pdbx_audit_revision_item.item 
1 2 'Structure model' '_atom_site.auth_atom_id'                   
2 2 'Structure model' '_atom_site.label_atom_id'                  
3 2 'Structure model' '_chem_comp.formula'                        
4 2 'Structure model' '_chem_comp.formula_weight'                 
5 2 'Structure model' '_chem_comp.name'                           
6 2 'Structure model' '_entity.formula_weight'                    
7 2 'Structure model' '_entity.pdbx_description'                  
8 2 'Structure model' '_entity_poly.pdbx_seq_one_letter_code_can' 
9 2 'Structure model' '_struct_conn.pdbx_leaving_atom_flag'       
# 
_pdbx_database_status.status_code                     REL 
_pdbx_database_status.status_code_sf                  REL 
_pdbx_database_status.status_code_mr                  ? 
_pdbx_database_status.entry_id                        7OZZ 
_pdbx_database_status.recvd_initial_deposition_date   2021-06-29 
_pdbx_database_status.SG_entry                        N 
_pdbx_database_status.deposit_site                    PDBE 
_pdbx_database_status.process_site                    PDBE 
_pdbx_database_status.status_code_cs                  ? 
_pdbx_database_status.status_code_nmr_data            ? 
_pdbx_database_status.methods_development_category    ? 
_pdbx_database_status.pdb_format_compatible           Y 
# 
loop_
_audit_author.name 
_audit_author.pdbx_ordinal 
_audit_author.identifier_ORCID 
'Thorpe, C.'       1 0000-0002-1980-678X 
'Hardwick, J.'     2 0000-0002-3117-1035 
'McDonough, M.A.'  3 0000-0003-4664-6942 
'Hall, J.P.'       4 0000-0003-3716-4378 
'Baker, Y.R.'      5 0000-0002-0266-771X 
'El-Sagheer, A.H.' 6 0000-0001-8706-1292 
'Brown, T.'        7 0000-0002-6538-3036 
# 
_citation.abstract                  ? 
_citation.abstract_id_CAS           ? 
_citation.book_id_ISBN              ? 
_citation.book_publisher            ? 
_citation.book_publisher_city       ? 
_citation.book_title                ? 
_citation.coordinate_linkage        ? 
_citation.country                   UK 
_citation.database_id_Medline       ? 
_citation.details                   ? 
_citation.id                        primary 
_citation.journal_abbrev            'Nat Commun' 
_citation.journal_id_ASTM           ? 
_citation.journal_id_CSD            ? 
_citation.journal_id_ISSN           2041-1723 
_citation.journal_full              ? 
_citation.journal_issue             ? 
_citation.journal_volume            13 
_citation.language                  ? 
_citation.page_first                4036 
_citation.page_last                 4036 
_citation.title                     
'An LNA-amide modification that enhances the cell uptake and activity of phosphorothioate exon-skipping oligonucleotides.' 
_citation.year                      2022 
_citation.database_id_CSD           ? 
_citation.pdbx_database_id_DOI      10.1038/s41467-022-31636-2 
_citation.pdbx_database_id_PubMed   35821218 
_citation.pdbx_database_id_patent   ? 
_citation.unpublished_flag          ? 
# 
loop_
_citation_author.citation_id 
_citation_author.name 
_citation_author.ordinal 
_citation_author.identifier_ORCID 
primary 'Baker, Y.R.'       1  0000-0002-0266-771X 
primary 'Thorpe, C.'        2  0000-0002-1980-678X 
primary 'Chen, J.'          3  ?                   
primary 'Poller, L.M.'      4  0000-0001-7385-0071 
primary 'Cox, L.'           5  0000-0001-9450-6819 
primary 'Kumar, P.'         6  ?                   
primary 'Lim, W.F.'         7  0000-0002-1238-3040 
primary 'Lie, L.'           8  ?                   
primary 'McClorey, G.'      9  ?                   
primary 'Epple, S.'         10 0000-0002-9078-3250 
primary 'Singleton, D.'     11 ?                   
primary 'McDonough, M.A.'   12 0000-0003-4664-6942 
primary 'Hardwick, J.S.'    13 0000-0002-3117-1035 
primary 'Christensen, K.E.' 14 0000-0003-1683-2066 
primary 'Wood, M.J.A.'      15 0000-0002-5436-6011 
primary 'Hall, J.P.'        16 0000-0003-3716-4378 
primary 'El-Sagheer, A.H.'  17 0000-0001-8706-1292 
primary 'Brown, T.'         18 0000-0002-6538-3036 
# 
loop_
_entity.id 
_entity.type 
_entity.src_method 
_entity.pdbx_description 
_entity.formula_weight 
_entity.pdbx_number_of_molecules 
_entity.pdbx_ec 
_entity.pdbx_mutation 
_entity.pdbx_fragment 
_entity.details 
1 polymer     man 
;RNA (5'-R(*CP*AP*AP*AP*GP*AP*AP*AP*AP*G)-3')
;
3255.076 1 ? ? ? ? 
2 polymer     man 
;DNA (5'-D(*CP*TP*(05H)P*TP*CP*TP*TP*TP*G)-3')
;
2981.045 1 ? ? ? ? 
3 non-polymer syn 'POTASSIUM ION'                                 39.098   1 ? ? ? ? 
# 
loop_
_entity_poly.entity_id 
_entity_poly.type 
_entity_poly.nstd_linkage 
_entity_poly.nstd_monomer 
_entity_poly.pdbx_seq_one_letter_code 
_entity_poly.pdbx_seq_one_letter_code_can 
_entity_poly.pdbx_strand_id 
_entity_poly.pdbx_target_identifier 
1 polyribonucleotide      no no  CAAAGAAAAG                              CAAAGAAAAG A ? 
2 polydeoxyribonucleotide no yes '(DC)(DT)(05H)(DT)(DC)(DT)(DT)(DT)(DG)' CTXTCTTTG  B ? 
# 
_pdbx_entity_nonpoly.entity_id   3 
_pdbx_entity_nonpoly.name        'POTASSIUM ION' 
_pdbx_entity_nonpoly.comp_id     K 
# 
loop_
_entity_poly_seq.entity_id 
_entity_poly_seq.num 
_entity_poly_seq.mon_id 
_entity_poly_seq.hetero 
1 1  C   n 
1 2  A   n 
1 3  A   n 
1 4  A   n 
1 5  G   n 
1 6  A   n 
1 7  A   n 
1 8  A   n 
1 9  A   n 
1 10 G   n 
2 1  DC  n 
2 2  DT  n 
2 3  05H n 
2 4  DT  n 
2 5  DC  n 
2 6  DT  n 
2 7  DT  n 
2 8  DT  n 
2 9  DG  n 
# 
loop_
_entity_src_gen.entity_id 
_entity_src_gen.pdbx_src_id 
_entity_src_gen.pdbx_alt_source_flag 
_entity_src_gen.pdbx_seq_type 
_entity_src_gen.pdbx_beg_seq_num 
_entity_src_gen.pdbx_end_seq_num 
_entity_src_gen.gene_src_common_name 
_entity_src_gen.gene_src_genus 
_entity_src_gen.pdbx_gene_src_gene 
_entity_src_gen.gene_src_species 
_entity_src_gen.gene_src_strain 
_entity_src_gen.gene_src_tissue 
_entity_src_gen.gene_src_tissue_fraction 
_entity_src_gen.gene_src_details 
_entity_src_gen.pdbx_gene_src_fragment 
_entity_src_gen.pdbx_gene_src_scientific_name 
_entity_src_gen.pdbx_gene_src_ncbi_taxonomy_id 
_entity_src_gen.pdbx_gene_src_variant 
_entity_src_gen.pdbx_gene_src_cell_line 
_entity_src_gen.pdbx_gene_src_atcc 
_entity_src_gen.pdbx_gene_src_organ 
_entity_src_gen.pdbx_gene_src_organelle 
_entity_src_gen.pdbx_gene_src_cell 
_entity_src_gen.pdbx_gene_src_cellular_location 
_entity_src_gen.host_org_common_name 
_entity_src_gen.pdbx_host_org_scientific_name 
_entity_src_gen.pdbx_host_org_ncbi_taxonomy_id 
_entity_src_gen.host_org_genus 
_entity_src_gen.pdbx_host_org_gene 
_entity_src_gen.pdbx_host_org_organ 
_entity_src_gen.host_org_species 
_entity_src_gen.pdbx_host_org_tissue 
_entity_src_gen.pdbx_host_org_tissue_fraction 
_entity_src_gen.pdbx_host_org_strain 
_entity_src_gen.pdbx_host_org_variant 
_entity_src_gen.pdbx_host_org_cell_line 
_entity_src_gen.pdbx_host_org_atcc 
_entity_src_gen.pdbx_host_org_culture_collection 
_entity_src_gen.pdbx_host_org_cell 
_entity_src_gen.pdbx_host_org_organelle 
_entity_src_gen.pdbx_host_org_cellular_location 
_entity_src_gen.pdbx_host_org_vector_type 
_entity_src_gen.pdbx_host_org_vector 
_entity_src_gen.host_org_details 
_entity_src_gen.expression_system_id 
_entity_src_gen.plasmid_name 
_entity_src_gen.plasmid_details 
_entity_src_gen.pdbx_description 
1 1 sample 'Biological sequence' 1 10 ? ? ? ? ? ? ? ? ? 'synthetic construct' 32630 ? ? ? ? ? ? ? ? 'synthetic construct' 32630 ? 
? ? ? ? ? ? ? ? ? ? ? ? ? ? ? ? ? ? ? ? 
2 1 sample 'Biological sequence' 1 9  ? ? ? ? ? ? ? ? ? 'synthetic construct' 32630 ? ? ? ? ? ? ? ? 'synthetic construct' 32630 ? 
? ? ? ? ? ? ? ? ? ? ? ? ? ? ? ? ? ? ? ? 
# 
loop_
_chem_comp.id 
_chem_comp.type 
_chem_comp.mon_nstd_flag 
_chem_comp.name 
_chem_comp.pdbx_synonyms 
_chem_comp.formula 
_chem_comp.formula_weight 
05H 'DNA linking' n 
;[(1R,3R,4R,7S)-3-[5-methyl-2,4-bis(oxidanylidene)pyrimidin-1-yl]-7-[2-[[(2R,3S,5R)-5-[5-methyl-2,4-bis(oxidanylidene)pyrimidin-1-yl]-3-oxidanyl-oxolan-2-yl]methylamino]-2-oxidanylidene-ethyl]-2,5-dioxabicyclo[2.2.1]heptan-1-yl]methyl dihydrogen phosphate
;
? 'C23 H30 N5 O13 P' 615.484 
A   'RNA linking' y "ADENOSINE-5'-MONOPHOSPHATE" ? 'C10 H14 N5 O7 P'  347.221 
C   'RNA linking' y "CYTIDINE-5'-MONOPHOSPHATE" ? 'C9 H14 N3 O8 P'   323.197 
DC  'DNA linking' y "2'-DEOXYCYTIDINE-5'-MONOPHOSPHATE" ? 'C9 H14 N3 O7 P'   307.197 
DG  'DNA linking' y "2'-DEOXYGUANOSINE-5'-MONOPHOSPHATE" ? 'C10 H14 N5 O7 P'  347.221 
DT  'DNA linking' y "THYMIDINE-5'-MONOPHOSPHATE" ? 'C10 H15 N2 O8 P'  322.208 
G   'RNA linking' y "GUANOSINE-5'-MONOPHOSPHATE" ? 'C10 H14 N5 O8 P'  363.221 
K   non-polymer   . 'POTASSIUM ION' ? 'K 1'              39.098  
# 
loop_
_pdbx_poly_seq_scheme.asym_id 
_pdbx_poly_seq_scheme.entity_id 
_pdbx_poly_seq_scheme.seq_id 
_pdbx_poly_seq_scheme.mon_id 
_pdbx_poly_seq_scheme.ndb_seq_num 
_pdbx_poly_seq_scheme.pdb_seq_num 
_pdbx_poly_seq_scheme.auth_seq_num 
_pdbx_poly_seq_scheme.pdb_mon_id 
_pdbx_poly_seq_scheme.auth_mon_id 
_pdbx_poly_seq_scheme.pdb_strand_id 
_pdbx_poly_seq_scheme.pdb_ins_code 
_pdbx_poly_seq_scheme.hetero 
A 1 1  C   1  1  1  C   C   A . n 
A 1 2  A   2  2  2  A   A   A . n 
A 1 3  A   3  3  3  A   A   A . n 
A 1 4  A   4  4  4  A   A   A . n 
A 1 5  G   5  5  5  G   G   A . n 
A 1 6  A   6  6  6  A   A   A . n 
A 1 7  A   7  7  7  A   A   A . n 
A 1 8  A   8  8  8  A   A   A . n 
A 1 9  A   9  9  9  A   A   A . n 
A 1 10 G   10 10 10 G   G   A . n 
B 2 1  DC  1  11 11 DC  DC  B . n 
B 2 2  DT  2  12 12 DT  DT  B . n 
B 2 3  05H 3  13 13 05H RWR B . n 
B 2 4  DT  4  14 14 DT  DT  B . n 
B 2 5  DC  5  15 15 DC  DC  B . n 
B 2 6  DT  6  16 16 DT  DT  B . n 
B 2 7  DT  7  17 17 DT  DT  B . n 
B 2 8  DT  8  18 18 DT  DT  B . n 
B 2 9  DG  9  19 19 DG  DG  B . n 
# 
_pdbx_nonpoly_scheme.asym_id         C 
_pdbx_nonpoly_scheme.entity_id       3 
_pdbx_nonpoly_scheme.mon_id          K 
_pdbx_nonpoly_scheme.ndb_seq_num     1 
_pdbx_nonpoly_scheme.pdb_seq_num     101 
_pdbx_nonpoly_scheme.auth_seq_num    1 
_pdbx_nonpoly_scheme.pdb_mon_id      K 
_pdbx_nonpoly_scheme.auth_mon_id     K 
_pdbx_nonpoly_scheme.pdb_strand_id   A 
_pdbx_nonpoly_scheme.pdb_ins_code    . 
# 
loop_
_software.citation_id 
_software.classification 
_software.compiler_name 
_software.compiler_version 
_software.contact_author 
_software.contact_author_email 
_software.date 
_software.description 
_software.dependencies 
_software.hardware 
_software.language 
_software.location 
_software.mods 
_software.name 
_software.os 
_software.os_version 
_software.type 
_software.version 
_software.pdbx_ordinal 
? refinement       ? ? ? ? ? ? ? ? ? ? ? PHENIX  ? ? ? '(1.19.2_4158: ???)' 1 
? 'data reduction' ? ? ? ? ? ? ? ? ? ? ? xia2    ? ? ? .                    2 
? 'data scaling'   ? ? ? ? ? ? ? ? ? ? ? Aimless ? ? ? .                    3 
? phasing          ? ? ? ? ? ? ? ? ? ? ? PHASER  ? ? ? .                    4 
# 
_cell.angle_alpha                  90.00 
_cell.angle_alpha_esd              ? 
_cell.angle_beta                   90.00 
_cell.angle_beta_esd               ? 
_cell.angle_gamma                  120.00 
_cell.angle_gamma_esd              ? 
_cell.entry_id                     7OZZ 
_cell.details                      ? 
_cell.formula_units_Z              ? 
_cell.length_a                     54.120 
_cell.length_a_esd                 ? 
_cell.length_b                     54.120 
_cell.length_b_esd                 ? 
_cell.length_c                     48.840 
_cell.length_c_esd                 ? 
_cell.volume                       ? 
_cell.volume_esd                   ? 
_cell.Z_PDB                        6 
_cell.reciprocal_angle_alpha       ? 
_cell.reciprocal_angle_beta        ? 
_cell.reciprocal_angle_gamma       ? 
_cell.reciprocal_angle_alpha_esd   ? 
_cell.reciprocal_angle_beta_esd    ? 
_cell.reciprocal_angle_gamma_esd   ? 
_cell.reciprocal_length_a          ? 
_cell.reciprocal_length_b          ? 
_cell.reciprocal_length_c          ? 
_cell.reciprocal_length_a_esd      ? 
_cell.reciprocal_length_b_esd      ? 
_cell.reciprocal_length_c_esd      ? 
_cell.pdbx_unique_axis             ? 
# 
_symmetry.entry_id                         7OZZ 
_symmetry.cell_setting                     ? 
_symmetry.Int_Tables_number                169 
_symmetry.space_group_name_Hall            ? 
_symmetry.space_group_name_H-M             'P 61' 
_symmetry.pdbx_full_space_group_name_H-M   ? 
# 
_exptl.absorpt_coefficient_mu     ? 
_exptl.absorpt_correction_T_max   ? 
_exptl.absorpt_correction_T_min   ? 
_exptl.absorpt_correction_type    ? 
_exptl.absorpt_process_details    ? 
_exptl.entry_id                   7OZZ 
_exptl.crystals_number            1 
_exptl.details                    ? 
_exptl.method                     'X-RAY DIFFRACTION' 
_exptl.method_details             ? 
# 
_exptl_crystal.colour                      ? 
_exptl_crystal.density_diffrn              ? 
_exptl_crystal.density_Matthews            3.32 
_exptl_crystal.density_method              ? 
_exptl_crystal.density_percent_sol         62.95 
_exptl_crystal.description                 ? 
_exptl_crystal.F_000                       ? 
_exptl_crystal.id                          1 
_exptl_crystal.preparation                 ? 
_exptl_crystal.size_max                    ? 
_exptl_crystal.size_mid                    ? 
_exptl_crystal.size_min                    ? 
_exptl_crystal.size_rad                    ? 
_exptl_crystal.colour_lustre               ? 
_exptl_crystal.colour_modifier             ? 
_exptl_crystal.colour_primary              ? 
_exptl_crystal.density_meas                ? 
_exptl_crystal.density_meas_esd            ? 
_exptl_crystal.density_meas_gt             ? 
_exptl_crystal.density_meas_lt             ? 
_exptl_crystal.density_meas_temp           ? 
_exptl_crystal.density_meas_temp_esd       ? 
_exptl_crystal.density_meas_temp_gt        ? 
_exptl_crystal.density_meas_temp_lt        ? 
_exptl_crystal.pdbx_crystal_image_url      ? 
_exptl_crystal.pdbx_crystal_image_format   ? 
_exptl_crystal.pdbx_mosaicity              ? 
_exptl_crystal.pdbx_mosaicity_esd          ? 
# 
_exptl_crystal_grow.apparatus       ? 
_exptl_crystal_grow.atmosphere      ? 
_exptl_crystal_grow.crystal_id      1 
_exptl_crystal_grow.details         ? 
_exptl_crystal_grow.method          'VAPOR DIFFUSION, SITTING DROP' 
_exptl_crystal_grow.method_ref      ? 
_exptl_crystal_grow.pH              7.0 
_exptl_crystal_grow.pressure        ? 
_exptl_crystal_grow.pressure_esd    ? 
_exptl_crystal_grow.seeding         ? 
_exptl_crystal_grow.seeding_ref     ? 
_exptl_crystal_grow.temp            298 
_exptl_crystal_grow.temp_details    ? 
_exptl_crystal_grow.temp_esd        ? 
_exptl_crystal_grow.time            ? 
_exptl_crystal_grow.pdbx_details    
;Drop solution 0.5 mM duplex, 40 mM Sodium chloride, 6.0 mM Potassium chloride, 20 mM Sodium cacodylate trihydrate pH 7.0, 17.5% (v/v) MPD, 6.0 mM Spermine tetrahydrochloride, Well solution, Component concentrations are double the concentration of the drop solution and do not contain the oligonucleotide duplex
;
_exptl_crystal_grow.pdbx_pH_range   ? 
# 
_diffrn.ambient_environment              ? 
_diffrn.ambient_temp                     100 
_diffrn.ambient_temp_details             ? 
_diffrn.ambient_temp_esd                 ? 
_diffrn.crystal_id                       1 
_diffrn.crystal_support                  ? 
_diffrn.crystal_treatment                ? 
_diffrn.details                          ? 
_diffrn.id                               1 
_diffrn.ambient_pressure                 ? 
_diffrn.ambient_pressure_esd             ? 
_diffrn.ambient_pressure_gt              ? 
_diffrn.ambient_pressure_lt              ? 
_diffrn.ambient_temp_gt                  ? 
_diffrn.ambient_temp_lt                  ? 
_diffrn.pdbx_serial_crystal_experiment   N 
# 
_diffrn_detector.details                      ? 
_diffrn_detector.detector                     PIXEL 
_diffrn_detector.diffrn_id                    1 
_diffrn_detector.type                         'DECTRIS PILATUS 6M' 
_diffrn_detector.area_resol_mean              ? 
_diffrn_detector.dtime                        ? 
_diffrn_detector.pdbx_frames_total            ? 
_diffrn_detector.pdbx_collection_time_total   ? 
_diffrn_detector.pdbx_collection_date         2018-11-03 
_diffrn_detector.pdbx_frequency               ? 
# 
_diffrn_radiation.collimation                      ? 
_diffrn_radiation.diffrn_id                        1 
_diffrn_radiation.filter_edge                      ? 
_diffrn_radiation.inhomogeneity                    ? 
_diffrn_radiation.monochromator                    ? 
_diffrn_radiation.polarisn_norm                    ? 
_diffrn_radiation.polarisn_ratio                   ? 
_diffrn_radiation.probe                            ? 
_diffrn_radiation.type                             ? 
_diffrn_radiation.xray_symbol                      ? 
_diffrn_radiation.wavelength_id                    1 
_diffrn_radiation.pdbx_monochromatic_or_laue_m_l   M 
_diffrn_radiation.pdbx_wavelength_list             ? 
_diffrn_radiation.pdbx_wavelength                  ? 
_diffrn_radiation.pdbx_diffrn_protocol             'SINGLE WAVELENGTH' 
_diffrn_radiation.pdbx_analyzer                    ? 
_diffrn_radiation.pdbx_scattering_type             x-ray 
# 
_diffrn_radiation_wavelength.id           1 
_diffrn_radiation_wavelength.wavelength   0.9762 
_diffrn_radiation_wavelength.wt           1.0 
# 
_diffrn_source.current                     ? 
_diffrn_source.details                     ? 
_diffrn_source.diffrn_id                   1 
_diffrn_source.power                       ? 
_diffrn_source.size                        ? 
_diffrn_source.source                      SYNCHROTRON 
_diffrn_source.target                      ? 
_diffrn_source.type                        'PETRA III, EMBL c/o DESY BEAMLINE P13 (MX1)' 
_diffrn_source.voltage                     ? 
_diffrn_source.take-off_angle              ? 
_diffrn_source.pdbx_wavelength_list        0.9762 
_diffrn_source.pdbx_wavelength             ? 
_diffrn_source.pdbx_synchrotron_beamline   'P13 (MX1)' 
_diffrn_source.pdbx_synchrotron_site       'PETRA III, EMBL c/o DESY' 
# 
_reflns.B_iso_Wilson_estimate                          ? 
_reflns.entry_id                                       7OZZ 
_reflns.data_reduction_details                         ? 
_reflns.data_reduction_method                          ? 
_reflns.d_resolution_high                              2.70 
_reflns.d_resolution_low                               27.06 
_reflns.details                                        ? 
_reflns.limit_h_max                                    ? 
_reflns.limit_h_min                                    ? 
_reflns.limit_k_max                                    ? 
_reflns.limit_k_min                                    ? 
_reflns.limit_l_max                                    ? 
_reflns.limit_l_min                                    ? 
_reflns.number_all                                     ? 
_reflns.number_obs                                     2283 
_reflns.observed_criterion                             ? 
_reflns.observed_criterion_F_max                       ? 
_reflns.observed_criterion_F_min                       ? 
_reflns.observed_criterion_I_max                       ? 
_reflns.observed_criterion_I_min                       ? 
_reflns.observed_criterion_sigma_F                     ? 
_reflns.observed_criterion_sigma_I                     ? 
_reflns.percent_possible_obs                           99.9 
_reflns.R_free_details                                 ? 
_reflns.Rmerge_F_all                                   ? 
_reflns.Rmerge_F_obs                                   ? 
_reflns.Friedel_coverage                               ? 
_reflns.number_gt                                      ? 
_reflns.threshold_expression                           ? 
_reflns.pdbx_redundancy                                9.7 
_reflns.pdbx_Rmerge_I_obs                              ? 
_reflns.pdbx_Rmerge_I_all                              ? 
_reflns.pdbx_Rsym_value                                ? 
_reflns.pdbx_netI_over_av_sigmaI                       ? 
_reflns.pdbx_netI_over_sigmaI                          23.0 
_reflns.pdbx_res_netI_over_av_sigmaI_2                 ? 
_reflns.pdbx_res_netI_over_sigmaI_2                    ? 
_reflns.pdbx_chi_squared                               ? 
_reflns.pdbx_scaling_rejects                           ? 
_reflns.pdbx_d_res_high_opt                            ? 
_reflns.pdbx_d_res_low_opt                             ? 
_reflns.pdbx_d_res_opt_method                          ? 
_reflns.phase_calculation_details                      ? 
_reflns.pdbx_Rrim_I_all                                ? 
_reflns.pdbx_Rpim_I_all                                ? 
_reflns.pdbx_d_opt                                     ? 
_reflns.pdbx_number_measured_all                       ? 
_reflns.pdbx_diffrn_id                                 1 
_reflns.pdbx_ordinal                                   1 
_reflns.pdbx_CC_half                                   0.999 
_reflns.pdbx_CC_star                                   ? 
_reflns.pdbx_R_split                                   ? 
_reflns.pdbx_aniso_diffraction_limit_axis_1_ortho[1]   ? 
_reflns.pdbx_aniso_diffraction_limit_axis_1_ortho[2]   ? 
_reflns.pdbx_aniso_diffraction_limit_axis_1_ortho[3]   ? 
_reflns.pdbx_aniso_diffraction_limit_axis_2_ortho[1]   ? 
_reflns.pdbx_aniso_diffraction_limit_axis_2_ortho[2]   ? 
_reflns.pdbx_aniso_diffraction_limit_axis_2_ortho[3]   ? 
_reflns.pdbx_aniso_diffraction_limit_axis_3_ortho[1]   ? 
_reflns.pdbx_aniso_diffraction_limit_axis_3_ortho[2]   ? 
_reflns.pdbx_aniso_diffraction_limit_axis_3_ortho[3]   ? 
_reflns.pdbx_aniso_diffraction_limit_1                 ? 
_reflns.pdbx_aniso_diffraction_limit_2                 ? 
_reflns.pdbx_aniso_diffraction_limit_3                 ? 
_reflns.pdbx_aniso_B_tensor_eigenvector_1_ortho[1]     ? 
_reflns.pdbx_aniso_B_tensor_eigenvector_1_ortho[2]     ? 
_reflns.pdbx_aniso_B_tensor_eigenvector_1_ortho[3]     ? 
_reflns.pdbx_aniso_B_tensor_eigenvector_2_ortho[1]     ? 
_reflns.pdbx_aniso_B_tensor_eigenvector_2_ortho[2]     ? 
_reflns.pdbx_aniso_B_tensor_eigenvector_2_ortho[3]     ? 
_reflns.pdbx_aniso_B_tensor_eigenvector_3_ortho[1]     ? 
_reflns.pdbx_aniso_B_tensor_eigenvector_3_ortho[2]     ? 
_reflns.pdbx_aniso_B_tensor_eigenvector_3_ortho[3]     ? 
_reflns.pdbx_aniso_B_tensor_eigenvalue_1               ? 
_reflns.pdbx_aniso_B_tensor_eigenvalue_2               ? 
_reflns.pdbx_aniso_B_tensor_eigenvalue_3               ? 
_reflns.pdbx_orthogonalization_convention              ? 
_reflns.pdbx_percent_possible_ellipsoidal              ? 
_reflns.pdbx_percent_possible_spherical                ? 
_reflns.pdbx_percent_possible_ellipsoidal_anomalous    ? 
_reflns.pdbx_percent_possible_spherical_anomalous      ? 
_reflns.pdbx_redundancy_anomalous                      ? 
_reflns.pdbx_CC_half_anomalous                         ? 
_reflns.pdbx_absDiff_over_sigma_anomalous              ? 
_reflns.pdbx_percent_possible_anomalous                ? 
_reflns.pdbx_observed_signal_threshold                 ? 
_reflns.pdbx_signal_type                               ? 
_reflns.pdbx_signal_details                            ? 
_reflns.pdbx_signal_software_id                        ? 
# 
_reflns_shell.d_res_high                                    2.70 
_reflns_shell.d_res_low                                     2.77 
_reflns_shell.meanI_over_sigI_all                           ? 
_reflns_shell.meanI_over_sigI_obs                           ? 
_reflns_shell.number_measured_all                           ? 
_reflns_shell.number_measured_obs                           ? 
_reflns_shell.number_possible                               ? 
_reflns_shell.number_unique_all                             ? 
_reflns_shell.number_unique_obs                             152 
_reflns_shell.percent_possible_all                          ? 
_reflns_shell.percent_possible_obs                          ? 
_reflns_shell.Rmerge_F_all                                  ? 
_reflns_shell.Rmerge_F_obs                                  ? 
_reflns_shell.Rmerge_I_all                                  ? 
_reflns_shell.Rmerge_I_obs                                  ? 
_reflns_shell.meanI_over_sigI_gt                            ? 
_reflns_shell.meanI_over_uI_all                             ? 
_reflns_shell.meanI_over_uI_gt                              ? 
_reflns_shell.number_measured_gt                            ? 
_reflns_shell.number_unique_gt                              ? 
_reflns_shell.percent_possible_gt                           ? 
_reflns_shell.Rmerge_F_gt                                   ? 
_reflns_shell.Rmerge_I_gt                                   ? 
_reflns_shell.pdbx_redundancy                               ? 
_reflns_shell.pdbx_Rsym_value                               ? 
_reflns_shell.pdbx_chi_squared                              ? 
_reflns_shell.pdbx_netI_over_sigmaI_all                     ? 
_reflns_shell.pdbx_netI_over_sigmaI_obs                     ? 
_reflns_shell.pdbx_Rrim_I_all                               ? 
_reflns_shell.pdbx_Rpim_I_all                               ? 
_reflns_shell.pdbx_rejects                                  ? 
_reflns_shell.pdbx_ordinal                                  1 
_reflns_shell.pdbx_diffrn_id                                1 
_reflns_shell.pdbx_CC_half                                  0.421 
_reflns_shell.pdbx_CC_star                                  ? 
_reflns_shell.pdbx_R_split                                  ? 
_reflns_shell.pdbx_percent_possible_ellipsoidal             ? 
_reflns_shell.pdbx_percent_possible_spherical               ? 
_reflns_shell.pdbx_percent_possible_ellipsoidal_anomalous   ? 
_reflns_shell.pdbx_percent_possible_spherical_anomalous     ? 
_reflns_shell.pdbx_redundancy_anomalous                     ? 
_reflns_shell.pdbx_CC_half_anomalous                        ? 
_reflns_shell.pdbx_absDiff_over_sigma_anomalous             ? 
_reflns_shell.pdbx_percent_possible_anomalous               ? 
# 
_refine.aniso_B[1][1]                            ? 
_refine.aniso_B[1][2]                            ? 
_refine.aniso_B[1][3]                            ? 
_refine.aniso_B[2][2]                            ? 
_refine.aniso_B[2][3]                            ? 
_refine.aniso_B[3][3]                            ? 
_refine.B_iso_max                                ? 
_refine.B_iso_mean                               ? 
_refine.B_iso_min                                ? 
_refine.correlation_coeff_Fo_to_Fc               ? 
_refine.correlation_coeff_Fo_to_Fc_free          ? 
_refine.details                                  ? 
_refine.diff_density_max                         ? 
_refine.diff_density_max_esd                     ? 
_refine.diff_density_min                         ? 
_refine.diff_density_min_esd                     ? 
_refine.diff_density_rms                         ? 
_refine.diff_density_rms_esd                     ? 
_refine.entry_id                                 7OZZ 
_refine.pdbx_refine_id                           'X-RAY DIFFRACTION' 
_refine.ls_abs_structure_details                 ? 
_refine.ls_abs_structure_Flack                   ? 
_refine.ls_abs_structure_Flack_esd               ? 
_refine.ls_abs_structure_Rogers                  ? 
_refine.ls_abs_structure_Rogers_esd              ? 
_refine.ls_d_res_high                            2.70 
_refine.ls_d_res_low                             27.06 
_refine.ls_extinction_coef                       ? 
_refine.ls_extinction_coef_esd                   ? 
_refine.ls_extinction_expression                 ? 
_refine.ls_extinction_method                     ? 
_refine.ls_goodness_of_fit_all                   ? 
_refine.ls_goodness_of_fit_all_esd               ? 
_refine.ls_goodness_of_fit_obs                   ? 
_refine.ls_goodness_of_fit_obs_esd               ? 
_refine.ls_hydrogen_treatment                    ? 
_refine.ls_matrix_type                           ? 
_refine.ls_number_constraints                    ? 
_refine.ls_number_parameters                     ? 
_refine.ls_number_reflns_all                     ? 
_refine.ls_number_reflns_obs                     2267 
_refine.ls_number_reflns_R_free                  137 
_refine.ls_number_reflns_R_work                  ? 
_refine.ls_number_restraints                     ? 
_refine.ls_percent_reflns_obs                    99.78 
_refine.ls_percent_reflns_R_free                 6.04 
_refine.ls_R_factor_all                          ? 
_refine.ls_R_factor_obs                          0.2029 
_refine.ls_R_factor_R_free                       0.2367 
_refine.ls_R_factor_R_free_error                 ? 
_refine.ls_R_factor_R_free_error_details         ? 
_refine.ls_R_factor_R_work                       0.2003 
_refine.ls_R_Fsqd_factor_obs                     ? 
_refine.ls_R_I_factor_obs                        ? 
_refine.ls_redundancy_reflns_all                 ? 
_refine.ls_redundancy_reflns_obs                 ? 
_refine.ls_restrained_S_all                      ? 
_refine.ls_restrained_S_obs                      ? 
_refine.ls_shift_over_esd_max                    ? 
_refine.ls_shift_over_esd_mean                   ? 
_refine.ls_structure_factor_coef                 ? 
_refine.ls_weighting_details                     ? 
_refine.ls_weighting_scheme                      ? 
_refine.ls_wR_factor_all                         ? 
_refine.ls_wR_factor_obs                         ? 
_refine.ls_wR_factor_R_free                      ? 
_refine.ls_wR_factor_R_work                      ? 
_refine.occupancy_max                            ? 
_refine.occupancy_min                            ? 
_refine.solvent_model_details                    'FLAT BULK SOLVENT MODEL' 
_refine.solvent_model_param_bsol                 ? 
_refine.solvent_model_param_ksol                 ? 
_refine.pdbx_R_complete                          ? 
_refine.ls_R_factor_gt                           ? 
_refine.ls_goodness_of_fit_gt                    ? 
_refine.ls_goodness_of_fit_ref                   ? 
_refine.ls_shift_over_su_max                     ? 
_refine.ls_shift_over_su_max_lt                  ? 
_refine.ls_shift_over_su_mean                    ? 
_refine.ls_shift_over_su_mean_lt                 ? 
_refine.pdbx_ls_sigma_I                          ? 
_refine.pdbx_ls_sigma_F                          1.35 
_refine.pdbx_ls_sigma_Fsqd                       ? 
_refine.pdbx_data_cutoff_high_absF               ? 
_refine.pdbx_data_cutoff_high_rms_absF           ? 
_refine.pdbx_data_cutoff_low_absF                ? 
_refine.pdbx_isotropic_thermal_model             ? 
_refine.pdbx_ls_cross_valid_method               'FREE R-VALUE' 
_refine.pdbx_method_to_determine_struct          'MOLECULAR REPLACEMENT' 
_refine.pdbx_starting_model                      7NRP 
_refine.pdbx_stereochemistry_target_values       ML 
_refine.pdbx_R_Free_selection_details            ? 
_refine.pdbx_stereochem_target_val_spec_case     ? 
_refine.pdbx_overall_ESU_R                       ? 
_refine.pdbx_overall_ESU_R_Free                  ? 
_refine.pdbx_solvent_vdw_probe_radii             1.11 
_refine.pdbx_solvent_ion_probe_radii             ? 
_refine.pdbx_solvent_shrinkage_radii             0.90 
_refine.pdbx_real_space_R                        ? 
_refine.pdbx_density_correlation                 ? 
_refine.pdbx_pd_number_of_powder_patterns        ? 
_refine.pdbx_pd_number_of_points                 ? 
_refine.pdbx_pd_meas_number_of_points            ? 
_refine.pdbx_pd_proc_ls_prof_R_factor            ? 
_refine.pdbx_pd_proc_ls_prof_wR_factor           ? 
_refine.pdbx_pd_Marquardt_correlation_coeff      ? 
_refine.pdbx_pd_Fsqrd_R_factor                   ? 
_refine.pdbx_pd_ls_matrix_band_width             ? 
_refine.pdbx_overall_phase_error                 24.12 
_refine.pdbx_overall_SU_R_free_Cruickshank_DPI   ? 
_refine.pdbx_overall_SU_R_free_Blow_DPI          ? 
_refine.pdbx_overall_SU_R_Blow_DPI               ? 
_refine.pdbx_TLS_residual_ADP_flag               ? 
_refine.pdbx_diffrn_id                           1 
_refine.overall_SU_B                             ? 
_refine.overall_SU_ML                            0.16 
_refine.overall_SU_R_Cruickshank_DPI             ? 
_refine.overall_SU_R_free                        ? 
_refine.overall_FOM_free_R_set                   ? 
_refine.overall_FOM_work_R_set                   ? 
_refine.pdbx_average_fsc_overall                 ? 
_refine.pdbx_average_fsc_work                    ? 
_refine.pdbx_average_fsc_free                    ? 
# 
_refine_hist.pdbx_refine_id                   'X-RAY DIFFRACTION' 
_refine_hist.cycle_id                         LAST 
_refine_hist.pdbx_number_atoms_protein        0 
_refine_hist.pdbx_number_atoms_nucleic_acid   415 
_refine_hist.pdbx_number_atoms_ligand         1 
_refine_hist.number_atoms_solvent             0 
_refine_hist.number_atoms_total               416 
_refine_hist.d_res_high                       2.70 
_refine_hist.d_res_low                        27.06 
# 
loop_
_refine_ls_restr.pdbx_refine_id 
_refine_ls_restr.criterion 
_refine_ls_restr.dev_ideal 
_refine_ls_restr.dev_ideal_target 
_refine_ls_restr.number 
_refine_ls_restr.rejects 
_refine_ls_restr.type 
_refine_ls_restr.weight 
_refine_ls_restr.pdbx_restraint_function 
'X-RAY DIFFRACTION' ? 0.007  ? 463 ? f_bond_d           ? ? 
'X-RAY DIFFRACTION' ? 1.541  ? 714 ? f_angle_d          ? ? 
'X-RAY DIFFRACTION' ? 15.350 ? 213 ? f_dihedral_angle_d ? ? 
'X-RAY DIFFRACTION' ? 0.067  ? 87  ? f_chiral_restr     ? ? 
'X-RAY DIFFRACTION' ? 0.004  ? 21  ? f_plane_restr      ? ? 
# 
_refine_ls_shell.pdbx_refine_id                   'X-RAY DIFFRACTION' 
_refine_ls_shell.d_res_high                       2.70 
_refine_ls_shell.d_res_low                        27.06 
_refine_ls_shell.number_reflns_all                ? 
_refine_ls_shell.number_reflns_obs                ? 
_refine_ls_shell.number_reflns_R_free             137 
_refine_ls_shell.number_reflns_R_work             2130 
_refine_ls_shell.percent_reflns_obs               100.00 
_refine_ls_shell.percent_reflns_R_free            ? 
_refine_ls_shell.R_factor_all                     ? 
_refine_ls_shell.R_factor_obs                     ? 
_refine_ls_shell.R_factor_R_free                  0.2367 
_refine_ls_shell.R_factor_R_free_error            ? 
_refine_ls_shell.R_factor_R_work                  0.2003 
_refine_ls_shell.redundancy_reflns_all            ? 
_refine_ls_shell.redundancy_reflns_obs            ? 
_refine_ls_shell.wR_factor_all                    ? 
_refine_ls_shell.wR_factor_obs                    ? 
_refine_ls_shell.wR_factor_R_free                 ? 
_refine_ls_shell.wR_factor_R_work                 ? 
_refine_ls_shell.pdbx_R_complete                  ? 
_refine_ls_shell.pdbx_total_number_of_bins_used   ? 
_refine_ls_shell.pdbx_phase_error                 ? 
_refine_ls_shell.pdbx_fsc_work                    ? 
_refine_ls_shell.pdbx_fsc_free                    ? 
# 
_struct.entry_id                     7OZZ 
_struct.title                        
'The crystal structure of a DNA:RNA hybrid duplex sequence CTTTTCTTTG with LNA-amide modification' 
_struct.pdbx_model_details           ? 
_struct.pdbx_formula_weight          ? 
_struct.pdbx_formula_weight_method   ? 
_struct.pdbx_model_type_details      ? 
_struct.pdbx_CASP_flag               N 
# 
_struct_keywords.entry_id        7OZZ 
_struct_keywords.text            'Amide-LNA, duplex, DNA:RNA, unmodified, DNA-RNA HYBRID' 
_struct_keywords.pdbx_keywords   'DNA-RNA HYBRID' 
# 
loop_
_struct_asym.id 
_struct_asym.pdbx_blank_PDB_chainid_flag 
_struct_asym.pdbx_modified 
_struct_asym.entity_id 
_struct_asym.details 
A N N 1 ? 
B N N 2 ? 
C N N 3 ? 
# 
loop_
_struct_ref.id 
_struct_ref.db_name 
_struct_ref.db_code 
_struct_ref.pdbx_db_accession 
_struct_ref.pdbx_db_isoform 
_struct_ref.entity_id 
_struct_ref.pdbx_seq_one_letter_code 
_struct_ref.pdbx_align_begin 
1 PDB 7OZZ 7OZZ ? 1 ? 1 
2 PDB 7OZZ 7OZZ ? 2 ? 1 
# 
loop_
_struct_ref_seq.align_id 
_struct_ref_seq.ref_id 
_struct_ref_seq.pdbx_PDB_id_code 
_struct_ref_seq.pdbx_strand_id 
_struct_ref_seq.seq_align_beg 
_struct_ref_seq.pdbx_seq_align_beg_ins_code 
_struct_ref_seq.seq_align_end 
_struct_ref_seq.pdbx_seq_align_end_ins_code 
_struct_ref_seq.pdbx_db_accession 
_struct_ref_seq.db_align_beg 
_struct_ref_seq.pdbx_db_align_beg_ins_code 
_struct_ref_seq.db_align_end 
_struct_ref_seq.pdbx_db_align_end_ins_code 
_struct_ref_seq.pdbx_auth_seq_align_beg 
_struct_ref_seq.pdbx_auth_seq_align_end 
1 1 7OZZ A 1 ? 10 ? 7OZZ 1  ? 10 ? 1  10 
2 2 7OZZ B 1 ? 9  ? 7OZZ 11 ? 19 ? 11 19 
# 
_pdbx_struct_assembly.id                   1 
_pdbx_struct_assembly.details              author_and_software_defined_assembly 
_pdbx_struct_assembly.method_details       PISA 
_pdbx_struct_assembly.oligomeric_details   dimeric 
_pdbx_struct_assembly.oligomeric_count     2 
# 
loop_
_pdbx_struct_assembly_prop.biol_id 
_pdbx_struct_assembly_prop.type 
_pdbx_struct_assembly_prop.value 
_pdbx_struct_assembly_prop.details 
1 'ABSA (A^2)' 1160 ? 
1 MORE         -3   ? 
1 'SSA (A^2)'  3850 ? 
# 
_pdbx_struct_assembly_gen.assembly_id       1 
_pdbx_struct_assembly_gen.oper_expression   1 
_pdbx_struct_assembly_gen.asym_id_list      A,B,C 
# 
_pdbx_struct_assembly_auth_evidence.id                     1 
_pdbx_struct_assembly_auth_evidence.assembly_id            1 
_pdbx_struct_assembly_auth_evidence.experimental_support   'light scattering' 
_pdbx_struct_assembly_auth_evidence.details                'UV-thermal melting' 
# 
_pdbx_struct_oper_list.id                   1 
_pdbx_struct_oper_list.type                 'identity operation' 
_pdbx_struct_oper_list.name                 1_555 
_pdbx_struct_oper_list.symmetry_operation   x,y,z 
_pdbx_struct_oper_list.matrix[1][1]         1.0000000000 
_pdbx_struct_oper_list.matrix[1][2]         0.0000000000 
_pdbx_struct_oper_list.matrix[1][3]         0.0000000000 
_pdbx_struct_oper_list.vector[1]            0.0000000000 
_pdbx_struct_oper_list.matrix[2][1]         0.0000000000 
_pdbx_struct_oper_list.matrix[2][2]         1.0000000000 
_pdbx_struct_oper_list.matrix[2][3]         0.0000000000 
_pdbx_struct_oper_list.vector[2]            0.0000000000 
_pdbx_struct_oper_list.matrix[3][1]         0.0000000000 
_pdbx_struct_oper_list.matrix[3][2]         0.0000000000 
_pdbx_struct_oper_list.matrix[3][3]         1.0000000000 
_pdbx_struct_oper_list.vector[3]            0.0000000000 
# 
loop_
_struct_conn.id 
_struct_conn.conn_type_id 
_struct_conn.pdbx_leaving_atom_flag 
_struct_conn.pdbx_PDB_id 
_struct_conn.ptnr1_label_asym_id 
_struct_conn.ptnr1_label_comp_id 
_struct_conn.ptnr1_label_seq_id 
_struct_conn.ptnr1_label_atom_id 
_struct_conn.pdbx_ptnr1_label_alt_id 
_struct_conn.pdbx_ptnr1_PDB_ins_code 
_struct_conn.pdbx_ptnr1_standard_comp_id 
_struct_conn.ptnr1_symmetry 
_struct_conn.ptnr2_label_asym_id 
_struct_conn.ptnr2_label_comp_id 
_struct_conn.ptnr2_label_seq_id 
_struct_conn.ptnr2_label_atom_id 
_struct_conn.pdbx_ptnr2_label_alt_id 
_struct_conn.pdbx_ptnr2_PDB_ins_code 
_struct_conn.ptnr1_auth_asym_id 
_struct_conn.ptnr1_auth_comp_id 
_struct_conn.ptnr1_auth_seq_id 
_struct_conn.ptnr2_auth_asym_id 
_struct_conn.ptnr2_auth_comp_id 
_struct_conn.ptnr2_auth_seq_id 
_struct_conn.ptnr2_symmetry 
_struct_conn.pdbx_ptnr3_label_atom_id 
_struct_conn.pdbx_ptnr3_label_seq_id 
_struct_conn.pdbx_ptnr3_label_comp_id 
_struct_conn.pdbx_ptnr3_label_asym_id 
_struct_conn.pdbx_ptnr3_label_alt_id 
_struct_conn.pdbx_ptnr3_PDB_ins_code 
_struct_conn.details 
_struct_conn.pdbx_dist_value 
_struct_conn.pdbx_value_order 
_struct_conn.pdbx_role 
covale1  covale both ? B DT  2  "O3'" ? ? ? 1_555 B 05H 3 P  ? ? B DT  12 B 05H 13 1_555 ? ? ? ? ? ? ?            1.573 ? ? 
covale2  covale both ? B 05H 3  "O3'" ? ? ? 1_555 B DT  4 P  ? ? B 05H 13 B DT  14 1_555 ? ? ? ? ? ? ?            1.633 ? ? 
hydrog1  hydrog ?    ? A C   1  N3    ? ? ? 1_555 B DG  9 N1 ? ? A C   1  B DG  19 1_555 ? ? ? ? ? ? WATSON-CRICK ?     ? ? 
hydrog2  hydrog ?    ? A C   1  N4    ? ? ? 1_555 B DG  9 O6 ? ? A C   1  B DG  19 1_555 ? ? ? ? ? ? WATSON-CRICK ?     ? ? 
hydrog3  hydrog ?    ? A C   1  O2    ? ? ? 1_555 B DG  9 N2 ? ? A C   1  B DG  19 1_555 ? ? ? ? ? ? WATSON-CRICK ?     ? ? 
hydrog4  hydrog ?    ? A A   2  N1    ? ? ? 1_555 B DT  8 N3 ? ? A A   2  B DT  18 1_555 ? ? ? ? ? ? WATSON-CRICK ?     ? ? 
hydrog5  hydrog ?    ? A A   2  N6    ? ? ? 1_555 B DT  8 O4 ? ? A A   2  B DT  18 1_555 ? ? ? ? ? ? WATSON-CRICK ?     ? ? 
hydrog6  hydrog ?    ? A A   3  N1    ? ? ? 1_555 B DT  7 N3 ? ? A A   3  B DT  17 1_555 ? ? ? ? ? ? WATSON-CRICK ?     ? ? 
hydrog7  hydrog ?    ? A A   3  N6    ? ? ? 1_555 B DT  7 O4 ? ? A A   3  B DT  17 1_555 ? ? ? ? ? ? WATSON-CRICK ?     ? ? 
hydrog8  hydrog ?    ? A A   4  N1    ? ? ? 1_555 B DT  6 N3 ? ? A A   4  B DT  16 1_555 ? ? ? ? ? ? WATSON-CRICK ?     ? ? 
hydrog9  hydrog ?    ? A A   4  N6    ? ? ? 1_555 B DT  6 O4 ? ? A A   4  B DT  16 1_555 ? ? ? ? ? ? WATSON-CRICK ?     ? ? 
hydrog10 hydrog ?    ? A G   5  N1    ? ? ? 1_555 B DC  5 N3 ? ? A G   5  B DC  15 1_555 ? ? ? ? ? ? WATSON-CRICK ?     ? ? 
hydrog11 hydrog ?    ? A G   5  N2    ? ? ? 1_555 B DC  5 O2 ? ? A G   5  B DC  15 1_555 ? ? ? ? ? ? WATSON-CRICK ?     ? ? 
hydrog12 hydrog ?    ? A G   5  O6    ? ? ? 1_555 B DC  5 N4 ? ? A G   5  B DC  15 1_555 ? ? ? ? ? ? WATSON-CRICK ?     ? ? 
hydrog13 hydrog ?    ? A A   6  N1    ? ? ? 1_555 B DT  4 N3 ? ? A A   6  B DT  14 1_555 ? ? ? ? ? ? WATSON-CRICK ?     ? ? 
hydrog14 hydrog ?    ? A A   6  N6    ? ? ? 1_555 B DT  4 O4 ? ? A A   6  B DT  14 1_555 ? ? ? ? ? ? WATSON-CRICK ?     ? ? 
hydrog15 hydrog ?    ? A A   9  N1    ? ? ? 1_555 B DT  2 N3 ? ? A A   9  B DT  12 1_555 ? ? ? ? ? ? WATSON-CRICK ?     ? ? 
hydrog16 hydrog ?    ? A A   9  N6    ? ? ? 1_555 B DT  2 O4 ? ? A A   9  B DT  12 1_555 ? ? ? ? ? ? WATSON-CRICK ?     ? ? 
hydrog17 hydrog ?    ? A G   10 N1    ? ? ? 1_555 B DC  1 N3 ? ? A G   10 B DC  11 1_555 ? ? ? ? ? ? WATSON-CRICK ?     ? ? 
hydrog18 hydrog ?    ? A G   10 N2    ? ? ? 1_555 B DC  1 O2 ? ? A G   10 B DC  11 1_555 ? ? ? ? ? ? WATSON-CRICK ?     ? ? 
hydrog19 hydrog ?    ? A G   10 O6    ? ? ? 1_555 B DC  1 N4 ? ? A G   10 B DC  11 1_555 ? ? ? ? ? ? WATSON-CRICK ?     ? ? 
# 
loop_
_struct_conn_type.id 
_struct_conn_type.criteria 
_struct_conn_type.reference 
covale ? ? 
hydrog ? ? 
# 
_pdbx_entry_details.entry_id                 7OZZ 
_pdbx_entry_details.has_ligand_of_interest   Y 
_pdbx_entry_details.compound_details         ? 
_pdbx_entry_details.source_details           ? 
_pdbx_entry_details.nonpolymer_details       ? 
_pdbx_entry_details.sequence_details         ? 
# 
loop_
_chem_comp_atom.comp_id 
_chem_comp_atom.atom_id 
_chem_comp_atom.type_symbol 
_chem_comp_atom.pdbx_aromatic_flag 
_chem_comp_atom.pdbx_stereo_config 
_chem_comp_atom.pdbx_ordinal 
05H C1     C N N 1   
05H "C1'"  C N R 2   
05H C5A    C N N 3   
05H C2     C N N 4   
05H "C2'"  C N N 5   
05H C21    C N N 6   
05H C3     C N N 7   
05H "C3'"  C N S 8   
05H C4     C N N 9   
05H "C4'"  C N R 10  
05H C41    C N N 11  
05H C5     C N N 12  
05H "C5'"  C N N 13  
05H C51    C N N 14  
05H C6     C N N 15  
05H C61    C N N 16  
05H C5M    C N N 17  
05H C11    C N N 18  
05H N1     N N N 19  
05H N11    N N N 20  
05H N3     N N N 21  
05H N31    N N N 22  
05H "N5'"  N N N 23  
05H O2     O N N 24  
05H "O2'"  O N N 25  
05H O21    O N N 26  
05H O1     O N N 27  
05H "O3'"  O N N 28  
05H O4     O N N 29  
05H "O4'"  O N N 30  
05H O41    O N N 31  
05H "O5'"  O N N 32  
05H OP1    O N N 33  
05H OP2    O N N 34  
05H P      P N N 35  
05H "C1'1" C N R 36  
05H "C2'1" C N R 37  
05H "C3'1" C N S 38  
05H "C4'1" C N R 39  
05H "C5'1" C N N 40  
05H "O4'1" O N N 41  
05H "H1'"  H N N 42  
05H H5A1   H N N 43  
05H H5A2   H N N 44  
05H H5A3   H N N 45  
05H "H2'1" H N N 46  
05H "H2'2" H N N 47  
05H HC31   H N N 48  
05H HC32   H N N 49  
05H "H3'"  H N N 50  
05H "H4'"  H N N 51  
05H "H5'1" H N N 52  
05H "H5'2" H N N 53  
05H H6     H N N 54  
05H H61    H N N 55  
05H H52    H N N 56  
05H H53    H N N 57  
05H HN3    H N N 58  
05H H31    H N N 59  
05H "HN5'" H N N 60  
05H "HO3'" H N N 61  
05H HOP2   H N N 62  
05H H1     H N N 63  
05H HC21   H N N 64  
05H OP3    O N N 65  
05H HOP3   H N N 66  
05H H2     H N N 67  
05H H3     H N N 68  
05H "H3'1" H N N 69  
05H HC52   H N N 70  
05H H51    H N N 71  
05H HC51   H N N 72  
A   OP3    O N N 73  
A   P      P N N 74  
A   OP1    O N N 75  
A   OP2    O N N 76  
A   "O5'"  O N N 77  
A   "C5'"  C N N 78  
A   "C4'"  C N R 79  
A   "O4'"  O N N 80  
A   "C3'"  C N S 81  
A   "O3'"  O N N 82  
A   "C2'"  C N R 83  
A   "O2'"  O N N 84  
A   "C1'"  C N R 85  
A   N9     N Y N 86  
A   C8     C Y N 87  
A   N7     N Y N 88  
A   C5     C Y N 89  
A   C6     C Y N 90  
A   N6     N N N 91  
A   N1     N Y N 92  
A   C2     C Y N 93  
A   N3     N Y N 94  
A   C4     C Y N 95  
A   HOP3   H N N 96  
A   HOP2   H N N 97  
A   "H5'"  H N N 98  
A   "H5''" H N N 99  
A   "H4'"  H N N 100 
A   "H3'"  H N N 101 
A   "HO3'" H N N 102 
A   "H2'"  H N N 103 
A   "HO2'" H N N 104 
A   "H1'"  H N N 105 
A   H8     H N N 106 
A   H61    H N N 107 
A   H62    H N N 108 
A   H2     H N N 109 
C   OP3    O N N 110 
C   P      P N N 111 
C   OP1    O N N 112 
C   OP2    O N N 113 
C   "O5'"  O N N 114 
C   "C5'"  C N N 115 
C   "C4'"  C N R 116 
C   "O4'"  O N N 117 
C   "C3'"  C N S 118 
C   "O3'"  O N N 119 
C   "C2'"  C N R 120 
C   "O2'"  O N N 121 
C   "C1'"  C N R 122 
C   N1     N N N 123 
C   C2     C N N 124 
C   O2     O N N 125 
C   N3     N N N 126 
C   C4     C N N 127 
C   N4     N N N 128 
C   C5     C N N 129 
C   C6     C N N 130 
C   HOP3   H N N 131 
C   HOP2   H N N 132 
C   "H5'"  H N N 133 
C   "H5''" H N N 134 
C   "H4'"  H N N 135 
C   "H3'"  H N N 136 
C   "HO3'" H N N 137 
C   "H2'"  H N N 138 
C   "HO2'" H N N 139 
C   "H1'"  H N N 140 
C   H41    H N N 141 
C   H42    H N N 142 
C   H5     H N N 143 
C   H6     H N N 144 
DC  OP3    O N N 145 
DC  P      P N N 146 
DC  OP1    O N N 147 
DC  OP2    O N N 148 
DC  "O5'"  O N N 149 
DC  "C5'"  C N N 150 
DC  "C4'"  C N R 151 
DC  "O4'"  O N N 152 
DC  "C3'"  C N S 153 
DC  "O3'"  O N N 154 
DC  "C2'"  C N N 155 
DC  "C1'"  C N R 156 
DC  N1     N N N 157 
DC  C2     C N N 158 
DC  O2     O N N 159 
DC  N3     N N N 160 
DC  C4     C N N 161 
DC  N4     N N N 162 
DC  C5     C N N 163 
DC  C6     C N N 164 
DC  HOP3   H N N 165 
DC  HOP2   H N N 166 
DC  "H5'"  H N N 167 
DC  "H5''" H N N 168 
DC  "H4'"  H N N 169 
DC  "H3'"  H N N 170 
DC  "HO3'" H N N 171 
DC  "H2'"  H N N 172 
DC  "H2''" H N N 173 
DC  "H1'"  H N N 174 
DC  H41    H N N 175 
DC  H42    H N N 176 
DC  H5     H N N 177 
DC  H6     H N N 178 
DG  OP3    O N N 179 
DG  P      P N N 180 
DG  OP1    O N N 181 
DG  OP2    O N N 182 
DG  "O5'"  O N N 183 
DG  "C5'"  C N N 184 
DG  "C4'"  C N R 185 
DG  "O4'"  O N N 186 
DG  "C3'"  C N S 187 
DG  "O3'"  O N N 188 
DG  "C2'"  C N N 189 
DG  "C1'"  C N R 190 
DG  N9     N Y N 191 
DG  C8     C Y N 192 
DG  N7     N Y N 193 
DG  C5     C Y N 194 
DG  C6     C N N 195 
DG  O6     O N N 196 
DG  N1     N N N 197 
DG  C2     C N N 198 
DG  N2     N N N 199 
DG  N3     N N N 200 
DG  C4     C Y N 201 
DG  HOP3   H N N 202 
DG  HOP2   H N N 203 
DG  "H5'"  H N N 204 
DG  "H5''" H N N 205 
DG  "H4'"  H N N 206 
DG  "H3'"  H N N 207 
DG  "HO3'" H N N 208 
DG  "H2'"  H N N 209 
DG  "H2''" H N N 210 
DG  "H1'"  H N N 211 
DG  H8     H N N 212 
DG  H1     H N N 213 
DG  H21    H N N 214 
DG  H22    H N N 215 
DT  OP3    O N N 216 
DT  P      P N N 217 
DT  OP1    O N N 218 
DT  OP2    O N N 219 
DT  "O5'"  O N N 220 
DT  "C5'"  C N N 221 
DT  "C4'"  C N R 222 
DT  "O4'"  O N N 223 
DT  "C3'"  C N S 224 
DT  "O3'"  O N N 225 
DT  "C2'"  C N N 226 
DT  "C1'"  C N R 227 
DT  N1     N N N 228 
DT  C2     C N N 229 
DT  O2     O N N 230 
DT  N3     N N N 231 
DT  C4     C N N 232 
DT  O4     O N N 233 
DT  C5     C N N 234 
DT  C7     C N N 235 
DT  C6     C N N 236 
DT  HOP3   H N N 237 
DT  HOP2   H N N 238 
DT  "H5'"  H N N 239 
DT  "H5''" H N N 240 
DT  "H4'"  H N N 241 
DT  "H3'"  H N N 242 
DT  "HO3'" H N N 243 
DT  "H2'"  H N N 244 
DT  "H2''" H N N 245 
DT  "H1'"  H N N 246 
DT  H3     H N N 247 
DT  H71    H N N 248 
DT  H72    H N N 249 
DT  H73    H N N 250 
DT  H6     H N N 251 
G   OP3    O N N 252 
G   P      P N N 253 
G   OP1    O N N 254 
G   OP2    O N N 255 
G   "O5'"  O N N 256 
G   "C5'"  C N N 257 
G   "C4'"  C N R 258 
G   "O4'"  O N N 259 
G   "C3'"  C N S 260 
G   "O3'"  O N N 261 
G   "C2'"  C N R 262 
G   "O2'"  O N N 263 
G   "C1'"  C N R 264 
G   N9     N Y N 265 
G   C8     C Y N 266 
G   N7     N Y N 267 
G   C5     C Y N 268 
G   C6     C N N 269 
G   O6     O N N 270 
G   N1     N N N 271 
G   C2     C N N 272 
G   N2     N N N 273 
G   N3     N N N 274 
G   C4     C Y N 275 
G   HOP3   H N N 276 
G   HOP2   H N N 277 
G   "H5'"  H N N 278 
G   "H5''" H N N 279 
G   "H4'"  H N N 280 
G   "H3'"  H N N 281 
G   "HO3'" H N N 282 
G   "H2'"  H N N 283 
G   "HO2'" H N N 284 
G   "H1'"  H N N 285 
G   H8     H N N 286 
G   H1     H N N 287 
G   H21    H N N 288 
G   H22    H N N 289 
K   K      K N N 290 
# 
loop_
_chem_comp_bond.comp_id 
_chem_comp_bond.atom_id_1 
_chem_comp_bond.atom_id_2 
_chem_comp_bond.value_order 
_chem_comp_bond.pdbx_aromatic_flag 
_chem_comp_bond.pdbx_stereo_config 
_chem_comp_bond.pdbx_ordinal 
05H O2     C2     doub N N 1   
05H N3     C2     sing N N 2   
05H N3     C4     sing N N 3   
05H O4     C4     doub N N 4   
05H C2     N1     sing N N 5   
05H C4     C5     sing N N 6   
05H "O3'"  "C3'"  sing N N 7   
05H "C2'"  "C3'"  sing N N 8   
05H "C2'"  "C1'"  sing N N 9   
05H "C3'"  "C4'"  sing N N 10  
05H N1     "C1'"  sing N N 11  
05H N1     C6     sing N N 12  
05H C5     C6     doub N N 13  
05H C5     C5M    sing N N 14  
05H "C1'"  "O4'"  sing N N 15  
05H "C4'"  "O4'"  sing N N 16  
05H "C4'"  "C5'"  sing N N 17  
05H "C5'"  "N5'"  sing N N 18  
05H O41    C41    doub N N 19  
05H C41    N31    sing N N 20  
05H C41    C51    sing N N 21  
05H N31    C21    sing N N 22  
05H O1     C1     doub N N 23  
05H "N5'"  C1     sing N N 24  
05H O21    C21    doub N N 25  
05H C21    N11    sing N N 26  
05H C51    C5A    sing N N 27  
05H C51    C61    doub N N 28  
05H C1     C11    sing N N 29  
05H N11    C61    sing N N 30  
05H N11    "C1'1" sing N N 31  
05H "C2'1" "C3'1" sing N N 32  
05H "C2'1" "C1'1" sing N N 33  
05H "C2'1" "O2'"  sing N N 34  
05H C11    "C3'1" sing N N 35  
05H "C3'1" "C4'1" sing N N 36  
05H "C1'1" "O4'1" sing N N 37  
05H "O2'"  C3     sing N N 38  
05H "O4'1" "C4'1" sing N N 39  
05H "C4'1" C3     sing N N 40  
05H "C4'1" "C5'1" sing N N 41  
05H "O5'"  "C5'1" sing N N 42  
05H "O5'"  P      sing N N 43  
05H OP2    P      sing N N 44  
05H P      OP1    doub N N 45  
05H "C1'"  "H1'"  sing N N 46  
05H C5A    H5A1   sing N N 47  
05H C5A    H5A2   sing N N 48  
05H C5A    H5A3   sing N N 49  
05H "C2'"  "H2'1" sing N N 50  
05H "C2'"  "H2'2" sing N N 51  
05H C3     HC31   sing N N 52  
05H C3     HC32   sing N N 53  
05H "C3'"  "H3'"  sing N N 54  
05H "C4'"  "H4'"  sing N N 55  
05H "C5'"  "H5'1" sing N N 56  
05H "C5'"  "H5'2" sing N N 57  
05H C6     H6     sing N N 58  
05H C61    H61    sing N N 59  
05H C5M    H52    sing N N 60  
05H C5M    H53    sing N N 61  
05H N3     HN3    sing N N 62  
05H N31    H31    sing N N 63  
05H "N5'"  "HN5'" sing N N 64  
05H "O3'"  "HO3'" sing N N 65  
05H OP2    HOP2   sing N N 66  
05H "C1'1" H1     sing N N 67  
05H "C2'1" HC21   sing N N 68  
05H P      OP3    sing N N 69  
05H OP3    HOP3   sing N N 70  
05H C11    H2     sing N N 71  
05H C11    H3     sing N N 72  
05H "C3'1" "H3'1" sing N N 73  
05H "C5'1" HC52   sing N N 74  
05H C5M    H51    sing N N 75  
05H "C5'1" HC51   sing N N 76  
A   OP3    P      sing N N 77  
A   OP3    HOP3   sing N N 78  
A   P      OP1    doub N N 79  
A   P      OP2    sing N N 80  
A   P      "O5'"  sing N N 81  
A   OP2    HOP2   sing N N 82  
A   "O5'"  "C5'"  sing N N 83  
A   "C5'"  "C4'"  sing N N 84  
A   "C5'"  "H5'"  sing N N 85  
A   "C5'"  "H5''" sing N N 86  
A   "C4'"  "O4'"  sing N N 87  
A   "C4'"  "C3'"  sing N N 88  
A   "C4'"  "H4'"  sing N N 89  
A   "O4'"  "C1'"  sing N N 90  
A   "C3'"  "O3'"  sing N N 91  
A   "C3'"  "C2'"  sing N N 92  
A   "C3'"  "H3'"  sing N N 93  
A   "O3'"  "HO3'" sing N N 94  
A   "C2'"  "O2'"  sing N N 95  
A   "C2'"  "C1'"  sing N N 96  
A   "C2'"  "H2'"  sing N N 97  
A   "O2'"  "HO2'" sing N N 98  
A   "C1'"  N9     sing N N 99  
A   "C1'"  "H1'"  sing N N 100 
A   N9     C8     sing Y N 101 
A   N9     C4     sing Y N 102 
A   C8     N7     doub Y N 103 
A   C8     H8     sing N N 104 
A   N7     C5     sing Y N 105 
A   C5     C6     sing Y N 106 
A   C5     C4     doub Y N 107 
A   C6     N6     sing N N 108 
A   C6     N1     doub Y N 109 
A   N6     H61    sing N N 110 
A   N6     H62    sing N N 111 
A   N1     C2     sing Y N 112 
A   C2     N3     doub Y N 113 
A   C2     H2     sing N N 114 
A   N3     C4     sing Y N 115 
C   OP3    P      sing N N 116 
C   OP3    HOP3   sing N N 117 
C   P      OP1    doub N N 118 
C   P      OP2    sing N N 119 
C   P      "O5'"  sing N N 120 
C   OP2    HOP2   sing N N 121 
C   "O5'"  "C5'"  sing N N 122 
C   "C5'"  "C4'"  sing N N 123 
C   "C5'"  "H5'"  sing N N 124 
C   "C5'"  "H5''" sing N N 125 
C   "C4'"  "O4'"  sing N N 126 
C   "C4'"  "C3'"  sing N N 127 
C   "C4'"  "H4'"  sing N N 128 
C   "O4'"  "C1'"  sing N N 129 
C   "C3'"  "O3'"  sing N N 130 
C   "C3'"  "C2'"  sing N N 131 
C   "C3'"  "H3'"  sing N N 132 
C   "O3'"  "HO3'" sing N N 133 
C   "C2'"  "O2'"  sing N N 134 
C   "C2'"  "C1'"  sing N N 135 
C   "C2'"  "H2'"  sing N N 136 
C   "O2'"  "HO2'" sing N N 137 
C   "C1'"  N1     sing N N 138 
C   "C1'"  "H1'"  sing N N 139 
C   N1     C2     sing N N 140 
C   N1     C6     sing N N 141 
C   C2     O2     doub N N 142 
C   C2     N3     sing N N 143 
C   N3     C4     doub N N 144 
C   C4     N4     sing N N 145 
C   C4     C5     sing N N 146 
C   N4     H41    sing N N 147 
C   N4     H42    sing N N 148 
C   C5     C6     doub N N 149 
C   C5     H5     sing N N 150 
C   C6     H6     sing N N 151 
DC  OP3    P      sing N N 152 
DC  OP3    HOP3   sing N N 153 
DC  P      OP1    doub N N 154 
DC  P      OP2    sing N N 155 
DC  P      "O5'"  sing N N 156 
DC  OP2    HOP2   sing N N 157 
DC  "O5'"  "C5'"  sing N N 158 
DC  "C5'"  "C4'"  sing N N 159 
DC  "C5'"  "H5'"  sing N N 160 
DC  "C5'"  "H5''" sing N N 161 
DC  "C4'"  "O4'"  sing N N 162 
DC  "C4'"  "C3'"  sing N N 163 
DC  "C4'"  "H4'"  sing N N 164 
DC  "O4'"  "C1'"  sing N N 165 
DC  "C3'"  "O3'"  sing N N 166 
DC  "C3'"  "C2'"  sing N N 167 
DC  "C3'"  "H3'"  sing N N 168 
DC  "O3'"  "HO3'" sing N N 169 
DC  "C2'"  "C1'"  sing N N 170 
DC  "C2'"  "H2'"  sing N N 171 
DC  "C2'"  "H2''" sing N N 172 
DC  "C1'"  N1     sing N N 173 
DC  "C1'"  "H1'"  sing N N 174 
DC  N1     C2     sing N N 175 
DC  N1     C6     sing N N 176 
DC  C2     O2     doub N N 177 
DC  C2     N3     sing N N 178 
DC  N3     C4     doub N N 179 
DC  C4     N4     sing N N 180 
DC  C4     C5     sing N N 181 
DC  N4     H41    sing N N 182 
DC  N4     H42    sing N N 183 
DC  C5     C6     doub N N 184 
DC  C5     H5     sing N N 185 
DC  C6     H6     sing N N 186 
DG  OP3    P      sing N N 187 
DG  OP3    HOP3   sing N N 188 
DG  P      OP1    doub N N 189 
DG  P      OP2    sing N N 190 
DG  P      "O5'"  sing N N 191 
DG  OP2    HOP2   sing N N 192 
DG  "O5'"  "C5'"  sing N N 193 
DG  "C5'"  "C4'"  sing N N 194 
DG  "C5'"  "H5'"  sing N N 195 
DG  "C5'"  "H5''" sing N N 196 
DG  "C4'"  "O4'"  sing N N 197 
DG  "C4'"  "C3'"  sing N N 198 
DG  "C4'"  "H4'"  sing N N 199 
DG  "O4'"  "C1'"  sing N N 200 
DG  "C3'"  "O3'"  sing N N 201 
DG  "C3'"  "C2'"  sing N N 202 
DG  "C3'"  "H3'"  sing N N 203 
DG  "O3'"  "HO3'" sing N N 204 
DG  "C2'"  "C1'"  sing N N 205 
DG  "C2'"  "H2'"  sing N N 206 
DG  "C2'"  "H2''" sing N N 207 
DG  "C1'"  N9     sing N N 208 
DG  "C1'"  "H1'"  sing N N 209 
DG  N9     C8     sing Y N 210 
DG  N9     C4     sing Y N 211 
DG  C8     N7     doub Y N 212 
DG  C8     H8     sing N N 213 
DG  N7     C5     sing Y N 214 
DG  C5     C6     sing N N 215 
DG  C5     C4     doub Y N 216 
DG  C6     O6     doub N N 217 
DG  C6     N1     sing N N 218 
DG  N1     C2     sing N N 219 
DG  N1     H1     sing N N 220 
DG  C2     N2     sing N N 221 
DG  C2     N3     doub N N 222 
DG  N2     H21    sing N N 223 
DG  N2     H22    sing N N 224 
DG  N3     C4     sing N N 225 
DT  OP3    P      sing N N 226 
DT  OP3    HOP3   sing N N 227 
DT  P      OP1    doub N N 228 
DT  P      OP2    sing N N 229 
DT  P      "O5'"  sing N N 230 
DT  OP2    HOP2   sing N N 231 
DT  "O5'"  "C5'"  sing N N 232 
DT  "C5'"  "C4'"  sing N N 233 
DT  "C5'"  "H5'"  sing N N 234 
DT  "C5'"  "H5''" sing N N 235 
DT  "C4'"  "O4'"  sing N N 236 
DT  "C4'"  "C3'"  sing N N 237 
DT  "C4'"  "H4'"  sing N N 238 
DT  "O4'"  "C1'"  sing N N 239 
DT  "C3'"  "O3'"  sing N N 240 
DT  "C3'"  "C2'"  sing N N 241 
DT  "C3'"  "H3'"  sing N N 242 
DT  "O3'"  "HO3'" sing N N 243 
DT  "C2'"  "C1'"  sing N N 244 
DT  "C2'"  "H2'"  sing N N 245 
DT  "C2'"  "H2''" sing N N 246 
DT  "C1'"  N1     sing N N 247 
DT  "C1'"  "H1'"  sing N N 248 
DT  N1     C2     sing N N 249 
DT  N1     C6     sing N N 250 
DT  C2     O2     doub N N 251 
DT  C2     N3     sing N N 252 
DT  N3     C4     sing N N 253 
DT  N3     H3     sing N N 254 
DT  C4     O4     doub N N 255 
DT  C4     C5     sing N N 256 
DT  C5     C7     sing N N 257 
DT  C5     C6     doub N N 258 
DT  C7     H71    sing N N 259 
DT  C7     H72    sing N N 260 
DT  C7     H73    sing N N 261 
DT  C6     H6     sing N N 262 
G   OP3    P      sing N N 263 
G   OP3    HOP3   sing N N 264 
G   P      OP1    doub N N 265 
G   P      OP2    sing N N 266 
G   P      "O5'"  sing N N 267 
G   OP2    HOP2   sing N N 268 
G   "O5'"  "C5'"  sing N N 269 
G   "C5'"  "C4'"  sing N N 270 
G   "C5'"  "H5'"  sing N N 271 
G   "C5'"  "H5''" sing N N 272 
G   "C4'"  "O4'"  sing N N 273 
G   "C4'"  "C3'"  sing N N 274 
G   "C4'"  "H4'"  sing N N 275 
G   "O4'"  "C1'"  sing N N 276 
G   "C3'"  "O3'"  sing N N 277 
G   "C3'"  "C2'"  sing N N 278 
G   "C3'"  "H3'"  sing N N 279 
G   "O3'"  "HO3'" sing N N 280 
G   "C2'"  "O2'"  sing N N 281 
G   "C2'"  "C1'"  sing N N 282 
G   "C2'"  "H2'"  sing N N 283 
G   "O2'"  "HO2'" sing N N 284 
G   "C1'"  N9     sing N N 285 
G   "C1'"  "H1'"  sing N N 286 
G   N9     C8     sing Y N 287 
G   N9     C4     sing Y N 288 
G   C8     N7     doub Y N 289 
G   C8     H8     sing N N 290 
G   N7     C5     sing Y N 291 
G   C5     C6     sing N N 292 
G   C5     C4     doub Y N 293 
G   C6     O6     doub N N 294 
G   C6     N1     sing N N 295 
G   N1     C2     sing N N 296 
G   N1     H1     sing N N 297 
G   C2     N2     sing N N 298 
G   C2     N3     doub N N 299 
G   N2     H21    sing N N 300 
G   N2     H22    sing N N 301 
G   N3     C4     sing N N 302 
# 
_ndb_struct_conf_na.entry_id   7OZZ 
_ndb_struct_conf_na.feature    'a-form double helix' 
# 
loop_
_ndb_struct_na_base_pair.model_number 
_ndb_struct_na_base_pair.i_label_asym_id 
_ndb_struct_na_base_pair.i_label_comp_id 
_ndb_struct_na_base_pair.i_label_seq_id 
_ndb_struct_na_base_pair.i_symmetry 
_ndb_struct_na_base_pair.j_label_asym_id 
_ndb_struct_na_base_pair.j_label_comp_id 
_ndb_struct_na_base_pair.j_label_seq_id 
_ndb_struct_na_base_pair.j_symmetry 
_ndb_struct_na_base_pair.shear 
_ndb_struct_na_base_pair.stretch 
_ndb_struct_na_base_pair.stagger 
_ndb_struct_na_base_pair.buckle 
_ndb_struct_na_base_pair.propeller 
_ndb_struct_na_base_pair.opening 
_ndb_struct_na_base_pair.pair_number 
_ndb_struct_na_base_pair.pair_name 
_ndb_struct_na_base_pair.i_auth_asym_id 
_ndb_struct_na_base_pair.i_auth_seq_id 
_ndb_struct_na_base_pair.i_PDB_ins_code 
_ndb_struct_na_base_pair.j_auth_asym_id 
_ndb_struct_na_base_pair.j_auth_seq_id 
_ndb_struct_na_base_pair.j_PDB_ins_code 
_ndb_struct_na_base_pair.hbond_type_28 
_ndb_struct_na_base_pair.hbond_type_12 
1 A C 1  1_555 B DG 9 1_555 -0.238 -0.208 0.105  -9.616 -7.642  3.228  1 A_C1:DG19_B  A 1  ? B 19 ? 19 1 
1 A A 2  1_555 B DT 8 1_555 -0.115 -0.149 0.020  -6.622 -12.755 -1.737 2 A_A2:DT18_B  A 2  ? B 18 ? 20 1 
1 A A 3  1_555 B DT 7 1_555 0.128  -0.085 -0.286 -3.878 -12.814 2.842  3 A_A3:DT17_B  A 3  ? B 17 ? 20 1 
1 A A 4  1_555 B DT 6 1_555 -0.342 -0.328 -0.339 -5.220 -8.981  1.908  4 A_A4:DT16_B  A 4  ? B 16 ? 20 1 
1 A G 5  1_555 B DC 5 1_555 0.084  -0.360 -0.251 -9.000 -7.545  -4.727 5 A_G5:DC15_B  A 5  ? B 15 ? 19 1 
1 A A 6  1_555 B DT 4 1_555 0.002  -0.302 -0.096 -3.540 -5.624  -0.573 6 A_A6:DT14_B  A 6  ? B 14 ? 20 1 
1 A A 9  1_555 B DT 2 1_555 -0.294 0.014  -0.261 1.467  -7.884  0.946  7 A_A9:DT12_B  A 9  ? B 12 ? 20 1 
1 A G 10 1_555 B DC 1 1_555 -0.071 -0.027 0.064  9.349  3.822   7.601  8 A_G10:DC11_B A 10 ? B 11 ? 19 1 
# 
loop_
_ndb_struct_na_base_pair_step.model_number 
_ndb_struct_na_base_pair_step.i_label_asym_id_1 
_ndb_struct_na_base_pair_step.i_label_comp_id_1 
_ndb_struct_na_base_pair_step.i_label_seq_id_1 
_ndb_struct_na_base_pair_step.i_symmetry_1 
_ndb_struct_na_base_pair_step.j_label_asym_id_1 
_ndb_struct_na_base_pair_step.j_label_comp_id_1 
_ndb_struct_na_base_pair_step.j_label_seq_id_1 
_ndb_struct_na_base_pair_step.j_symmetry_1 
_ndb_struct_na_base_pair_step.i_label_asym_id_2 
_ndb_struct_na_base_pair_step.i_label_comp_id_2 
_ndb_struct_na_base_pair_step.i_label_seq_id_2 
_ndb_struct_na_base_pair_step.i_symmetry_2 
_ndb_struct_na_base_pair_step.j_label_asym_id_2 
_ndb_struct_na_base_pair_step.j_label_comp_id_2 
_ndb_struct_na_base_pair_step.j_label_seq_id_2 
_ndb_struct_na_base_pair_step.j_symmetry_2 
_ndb_struct_na_base_pair_step.shift 
_ndb_struct_na_base_pair_step.slide 
_ndb_struct_na_base_pair_step.rise 
_ndb_struct_na_base_pair_step.tilt 
_ndb_struct_na_base_pair_step.roll 
_ndb_struct_na_base_pair_step.twist 
_ndb_struct_na_base_pair_step.x_displacement 
_ndb_struct_na_base_pair_step.y_displacement 
_ndb_struct_na_base_pair_step.helical_rise 
_ndb_struct_na_base_pair_step.inclination 
_ndb_struct_na_base_pair_step.tip 
_ndb_struct_na_base_pair_step.helical_twist 
_ndb_struct_na_base_pair_step.step_number 
_ndb_struct_na_base_pair_step.step_name 
_ndb_struct_na_base_pair_step.i_auth_asym_id_1 
_ndb_struct_na_base_pair_step.i_auth_seq_id_1 
_ndb_struct_na_base_pair_step.i_PDB_ins_code_1 
_ndb_struct_na_base_pair_step.j_auth_asym_id_1 
_ndb_struct_na_base_pair_step.j_auth_seq_id_1 
_ndb_struct_na_base_pair_step.j_PDB_ins_code_1 
_ndb_struct_na_base_pair_step.i_auth_asym_id_2 
_ndb_struct_na_base_pair_step.i_auth_seq_id_2 
_ndb_struct_na_base_pair_step.i_PDB_ins_code_2 
_ndb_struct_na_base_pair_step.j_auth_asym_id_2 
_ndb_struct_na_base_pair_step.j_auth_seq_id_2 
_ndb_struct_na_base_pair_step.j_PDB_ins_code_2 
1 A C 1 1_555 B DG 9 1_555 A A 2  1_555 B DT 8 1_555 0.145  -1.047 3.334 1.202  8.194  31.873 -3.222 -0.055 2.983 14.615 -2.144 
32.904 1 AA_C1A2:DT18DG19_BB  A 1 ? B 19 ? A 2  ? B 18 ? 
1 A A 2 1_555 B DT 8 1_555 A A 3  1_555 B DT 7 1_555 0.177  -1.216 3.302 1.639  1.894  33.168 -2.441 -0.035 3.234 3.311  -2.866 
33.260 2 AA_A2A3:DT17DT18_BB  A 2 ? B 18 ? A 3  ? B 17 ? 
1 A A 3 1_555 B DT 7 1_555 A A 4  1_555 B DT 6 1_555 0.105  -1.281 3.367 -2.282 6.024  28.467 -3.841 -0.700 3.020 12.056 4.566  
29.172 3 AA_A3A4:DT16DT17_BB  A 3 ? B 17 ? A 4  ? B 16 ? 
1 A A 4 1_555 B DT 6 1_555 A G 5  1_555 B DC 5 1_555 -0.933 -1.350 3.382 -4.137 10.134 36.353 -3.372 0.907  2.997 15.807 6.453  
37.912 4 AA_A4G5:DC15DT16_BB  A 4 ? B 16 ? A 5  ? B 15 ? 
1 A G 5 1_555 B DC 5 1_555 A A 6  1_555 B DT 4 1_555 0.777  -1.858 3.098 4.341  9.410  29.933 -4.941 -0.718 2.500 17.569 -8.105 
31.638 5 AA_G5A6:DT14DC15_BB  A 5 ? B 15 ? A 6  ? B 14 ? 
1 A A 9 1_555 B DT 2 1_555 A G 10 1_555 B DC 1 1_555 0.573  -1.817 3.061 -3.672 3.687  29.100 -4.260 -1.818 2.724 7.264  7.235  
29.552 6 AA_A9G10:DC11DT12_BB A 9 ? B 12 ? A 10 ? B 11 ? 
# 
_pdbx_audit_support.funding_organization   'Biotechnology and Biological Sciences Research Council (BBSRC)' 
_pdbx_audit_support.country                'United Kingdom' 
_pdbx_audit_support.grant_number           BB/S018794/1 
_pdbx_audit_support.ordinal                1 
# 
_pdbx_entity_instance_feature.ordinal        1 
_pdbx_entity_instance_feature.comp_id        05H 
_pdbx_entity_instance_feature.asym_id        ? 
_pdbx_entity_instance_feature.seq_num        ? 
_pdbx_entity_instance_feature.auth_comp_id   05H 
_pdbx_entity_instance_feature.auth_asym_id   ? 
_pdbx_entity_instance_feature.auth_seq_num   ? 
_pdbx_entity_instance_feature.feature_type   'SUBJECT OF INVESTIGATION' 
_pdbx_entity_instance_feature.details        ? 
# 
_pdbx_initial_refinement_model.id               1 
_pdbx_initial_refinement_model.entity_id_list   ? 
_pdbx_initial_refinement_model.type             'experimental model' 
_pdbx_initial_refinement_model.source_name      PDB 
_pdbx_initial_refinement_model.accession_code   7NRP 
_pdbx_initial_refinement_model.details          ? 
# 
_atom_sites.entry_id                    7OZZ 
_atom_sites.Cartn_transf_matrix[1][1]   ? 
_atom_sites.Cartn_transf_matrix[1][2]   ? 
_atom_sites.Cartn_transf_matrix[1][3]   ? 
_atom_sites.Cartn_transf_matrix[2][1]   ? 
_atom_sites.Cartn_transf_matrix[2][2]   ? 
_atom_sites.Cartn_transf_matrix[2][3]   ? 
_atom_sites.Cartn_transf_matrix[3][1]   ? 
_atom_sites.Cartn_transf_matrix[3][2]   ? 
_atom_sites.Cartn_transf_matrix[3][3]   ? 
_atom_sites.Cartn_transf_vector[1]      ? 
_atom_sites.Cartn_transf_vector[2]      ? 
_atom_sites.Cartn_transf_vector[3]      ? 
_atom_sites.fract_transf_matrix[1][1]   -0.01099840 
_atom_sites.fract_transf_matrix[1][2]   -0.00509648 
_atom_sites.fract_transf_matrix[1][3]   -0.01755753 
_atom_sites.fract_transf_matrix[2][1]   -0.01829549 
_atom_sites.fract_transf_matrix[2][2]   0.01004814 
_atom_sites.fract_transf_matrix[2][3]   -0.00441984 
_atom_sites.fract_transf_matrix[3][1]   0.01033272 
_atom_sites.fract_transf_matrix[3][2]   0.01415876 
_atom_sites.fract_transf_matrix[3][3]   -0.01058253 
_atom_sites.fract_transf_vector[1]      -0.410330 
_atom_sites.fract_transf_vector[2]      0.051850 
_atom_sites.fract_transf_vector[3]      -0.077407 
_atom_sites.solution_primary            ? 
_atom_sites.solution_secondary          ? 
_atom_sites.solution_hydrogens          ? 
_atom_sites.special_details             ? 
# 
loop_
_atom_type.symbol 
C 
K 
N 
O 
P 
# 
loop_
_atom_site.group_PDB 
_atom_site.id 
_atom_site.type_symbol 
_atom_site.label_atom_id 
_atom_site.label_alt_id 
_atom_site.label_comp_id 
_atom_site.label_asym_id 
_atom_site.label_entity_id 
_atom_site.label_seq_id 
_atom_site.pdbx_PDB_ins_code 
_atom_site.Cartn_x 
_atom_site.Cartn_y 
_atom_site.Cartn_z 
_atom_site.occupancy 
_atom_site.B_iso_or_equiv 
_atom_site.pdbx_formal_charge 
_atom_site.auth_seq_id 
_atom_site.auth_comp_id 
_atom_site.auth_asym_id 
_atom_site.auth_atom_id 
_atom_site.pdbx_PDB_model_num 
ATOM   1   O "O5'"  . C   A 1 1  ? -7.290  -0.500  -12.056 1.00 138.73 ? 1   C   A "O5'"  1 
ATOM   2   C "C5'"  . C   A 1 1  ? -7.931  0.565   -12.739 1.00 120.34 ? 1   C   A "C5'"  1 
ATOM   3   C "C4'"  . C   A 1 1  ? -9.029  1.167   -11.903 1.00 119.51 ? 1   C   A "C4'"  1 
ATOM   4   O "O4'"  . C   A 1 1  ? -10.055 0.171   -11.660 1.00 116.63 ? 1   C   A "O4'"  1 
ATOM   5   C "C3'"  . C   A 1 1  ? -8.627  1.621   -10.510 1.00 127.22 ? 1   C   A "C3'"  1 
ATOM   6   O "O3'"  . C   A 1 1  ? -7.986  2.886   -10.489 1.00 135.02 ? 1   C   A "O3'"  1 
ATOM   7   C "C2'"  . C   A 1 1  ? -9.948  1.584   -9.753  1.00 121.40 ? 1   C   A "C2'"  1 
ATOM   8   O "O2'"  . C   A 1 1  ? -10.740 2.725   -10.050 1.00 122.97 ? 1   C   A "O2'"  1 
ATOM   9   C "C1'"  . C   A 1 1  ? -10.615 0.357   -10.375 1.00 116.83 ? 1   C   A "C1'"  1 
ATOM   10  N N1     . C   A 1 1  ? -10.395 -0.868  -9.571  1.00 112.10 ? 1   C   A N1     1 
ATOM   11  C C2     . C   A 1 1  ? -11.187 -1.080  -8.433  1.00 108.89 ? 1   C   A C2     1 
ATOM   12  O O2     . C   A 1 1  ? -12.046 -0.240  -8.122  1.00 112.94 ? 1   C   A O2     1 
ATOM   13  N N3     . C   A 1 1  ? -10.998 -2.196  -7.691  1.00 102.96 ? 1   C   A N3     1 
ATOM   14  C C4     . C   A 1 1  ? -10.070 -3.083  -8.053  1.00 111.20 ? 1   C   A C4     1 
ATOM   15  N N4     . C   A 1 1  ? -9.926  -4.168  -7.290  1.00 113.08 ? 1   C   A N4     1 
ATOM   16  C C5     . C   A 1 1  ? -9.249  -2.902  -9.207  1.00 110.83 ? 1   C   A C5     1 
ATOM   17  C C6     . C   A 1 1  ? -9.445  -1.790  -9.930  1.00 114.77 ? 1   C   A C6     1 
ATOM   18  P P      . A   A 1 2  ? -6.840  3.174   -9.400  1.00 141.71 ? 2   A   A P      1 
ATOM   19  O OP1    . A   A 1 2  ? -6.177  4.468   -9.715  1.00 137.33 ? 2   A   A OP1    1 
ATOM   20  O OP2    . A   A 1 2  ? -6.025  1.935   -9.300  1.00 125.84 ? 2   A   A OP2    1 
ATOM   21  O "O5'"  . A   A 1 2  ? -7.655  3.379   -8.047  1.00 114.24 ? 2   A   A "O5'"  1 
ATOM   22  C "C5'"  . A   A 1 2  ? -8.521  4.490   -7.891  1.00 106.70 ? 2   A   A "C5'"  1 
ATOM   23  C "C4'"  . A   A 1 2  ? -9.495  4.275   -6.765  1.00 103.17 ? 2   A   A "C4'"  1 
ATOM   24  O "O4'"  . A   A 1 2  ? -10.131 2.987   -6.922  1.00 107.55 ? 2   A   A "O4'"  1 
ATOM   25  C "C3'"  . A   A 1 2  ? -8.907  4.220   -5.366  1.00 112.70 ? 2   A   A "C3'"  1 
ATOM   26  O "O3'"  . A   A 1 2  ? -8.647  5.501   -4.821  1.00 112.43 ? 2   A   A "O3'"  1 
ATOM   27  C "C2'"  . A   A 1 2  ? -9.966  3.440   -4.597  1.00 110.67 ? 2   A   A "C2'"  1 
ATOM   28  O "O2'"  . A   A 1 2  ? -11.068 4.277   -4.275  1.00 110.02 ? 2   A   A "O2'"  1 
ATOM   29  C "C1'"  . A   A 1 2  ? -10.426 2.439   -5.654  1.00 107.36 ? 2   A   A "C1'"  1 
ATOM   30  N N9     . A   A 1 2  ? -9.758  1.128   -5.528  1.00 109.84 ? 2   A   A N9     1 
ATOM   31  C C8     . A   A 1 2  ? -8.753  0.596   -6.303  1.00 109.73 ? 2   A   A C8     1 
ATOM   32  N N7     . A   A 1 2  ? -8.388  -0.612  -5.938  1.00 104.19 ? 2   A   A N7     1 
ATOM   33  C C5     . A   A 1 2  ? -9.214  -0.896  -4.855  1.00 94.83  ? 2   A   A C5     1 
ATOM   34  C C6     . A   A 1 2  ? -9.335  -2.024  -4.021  1.00 97.95  ? 2   A   A C6     1 
ATOM   35  N N6     . A   A 1 2  ? -8.583  -3.129  -4.145  1.00 92.01  ? 2   A   A N6     1 
ATOM   36  N N1     . A   A 1 2  ? -10.265 -1.980  -3.038  1.00 87.11  ? 2   A   A N1     1 
ATOM   37  C C2     . A   A 1 2  ? -11.010 -0.877  -2.912  1.00 94.48  ? 2   A   A C2     1 
ATOM   38  N N3     . A   A 1 2  ? -10.991 0.241   -3.633  1.00 98.06  ? 2   A   A N3     1 
ATOM   39  C C4     . A   A 1 2  ? -10.061 0.163   -4.597  1.00 92.94  ? 2   A   A C4     1 
ATOM   40  P P      . A   A 1 3  ? -7.517  5.683   -3.696  1.00 107.80 ? 3   A   A P      1 
ATOM   41  O OP1    . A   A 1 3  ? -7.365  7.135   -3.406  1.00 112.04 ? 3   A   A OP1    1 
ATOM   42  O OP2    . A   A 1 3  ? -6.332  4.895   -4.122  1.00 112.51 ? 3   A   A OP2    1 
ATOM   43  O "O5'"  . A   A 1 3  ? -8.141  4.986   -2.403  1.00 111.77 ? 3   A   A "O5'"  1 
ATOM   44  C "C5'"  . A   A 1 3  ? -9.296  5.516   -1.772  1.00 100.44 ? 3   A   A "C5'"  1 
ATOM   45  C "C4'"  . A   A 1 3  ? -9.826  4.579   -0.716  1.00 104.13 ? 3   A   A "C4'"  1 
ATOM   46  O "O4'"  . A   A 1 3  ? -10.192 3.311   -1.321  1.00 117.11 ? 3   A   A "O4'"  1 
ATOM   47  C "C3'"  . A   A 1 3  ? -8.858  4.190   0.390   1.00 100.35 ? 3   A   A "C3'"  1 
ATOM   48  O "O3'"  . A   A 1 3  ? -8.739  5.177   1.401   1.00 105.23 ? 3   A   A "O3'"  1 
ATOM   49  C "C2'"  . A   A 1 3  ? -9.440  2.872   0.891   1.00 105.19 ? 3   A   A "C2'"  1 
ATOM   50  O "O2'"  . A   A 1 3  ? -10.548 3.103   1.749   1.00 103.99 ? 3   A   A "O2'"  1 
ATOM   51  C "C1'"  . A   A 1 3  ? -9.957  2.255   -0.410  1.00 106.59 ? 3   A   A "C1'"  1 
ATOM   52  N N9     . A   A 1 3  ? -8.981  1.316   -0.999  1.00 89.89  ? 3   A   A N9     1 
ATOM   53  C C8     . A   A 1 3  ? -8.078  1.562   -2.001  1.00 94.23  ? 3   A   A C8     1 
ATOM   54  N N7     . A   A 1 3  ? -7.334  0.530   -2.311  1.00 85.63  ? 3   A   A N7     1 
ATOM   55  C C5     . A   A 1 3  ? -7.770  -0.466  -1.449  1.00 88.49  ? 3   A   A C5     1 
ATOM   56  C C6     . A   A 1 3  ? -7.376  -1.806  -1.276  1.00 82.82  ? 3   A   A C6     1 
ATOM   57  N N6     . A   A 1 3  ? -6.416  -2.385  -2.004  1.00 79.37  ? 3   A   A N6     1 
ATOM   58  N N1     . A   A 1 3  ? -8.010  -2.535  -0.326  1.00 73.11  ? 3   A   A N1     1 
ATOM   59  C C2     . A   A 1 3  ? -8.978  -1.951  0.392   1.00 77.85  ? 3   A   A C2     1 
ATOM   60  N N3     . A   A 1 3  ? -9.437  -0.699  0.317   1.00 97.23  ? 3   A   A N3     1 
ATOM   61  C C4     . A   A 1 3  ? -8.785  0.004   -0.633  1.00 90.99  ? 3   A   A C4     1 
ATOM   62  P P      . A   A 1 4  ? -7.396  5.292   2.280   1.00 117.79 ? 4   A   A P      1 
ATOM   63  O OP1    . A   A 1 4  ? -7.507  6.491   3.148   1.00 114.93 ? 4   A   A OP1    1 
ATOM   64  O OP2    . A   A 1 4  ? -6.226  5.128   1.380   1.00 109.47 ? 4   A   A OP2    1 
ATOM   65  O "O5'"  . A   A 1 4  ? -7.458  4.031   3.244   1.00 103.39 ? 4   A   A "O5'"  1 
ATOM   66  C "C5'"  . A   A 1 4  ? -8.537  3.872   4.149   1.00 104.30 ? 4   A   A "C5'"  1 
ATOM   67  C "C4'"  . A   A 1 4  ? -8.564  2.477   4.717   1.00 106.98 ? 4   A   A "C4'"  1 
ATOM   68  O "O4'"  . A   A 1 4  ? -8.736  1.510   3.651   1.00 92.14  ? 4   A   A "O4'"  1 
ATOM   69  C "C3'"  . A   A 1 4  ? -7.299  2.019   5.420   1.00 98.78  ? 4   A   A "C3'"  1 
ATOM   70  O "O3'"  . A   A 1 4  ? -7.189  2.529   6.736   1.00 94.29  ? 4   A   A "O3'"  1 
ATOM   71  C "C2'"  . A   A 1 4  ? -7.424  0.503   5.363   1.00 100.68 ? 4   A   A "C2'"  1 
ATOM   72  O "O2'"  . A   A 1 4  ? -8.308  0.042   6.375   1.00 99.01  ? 4   A   A "O2'"  1 
ATOM   73  C "C1'"  . A   A 1 4  ? -8.091  0.304   3.995   1.00 77.12  ? 4   A   A "C1'"  1 
ATOM   74  N N9     . A   A 1 4  ? -7.123  -0.022  2.938   1.00 86.69  ? 4   A   A N9     1 
ATOM   75  C C8     . A   A 1 4  ? -6.657  0.778   1.923   1.00 93.72  ? 4   A   A C8     1 
ATOM   76  N N7     . A   A 1 4  ? -5.795  0.176   1.133   1.00 89.50  ? 4   A   A N7     1 
ATOM   77  C C5     . A   A 1 4  ? -5.695  -1.104  1.662   1.00 73.75  ? 4   A   A C5     1 
ATOM   78  C C6     . A   A 1 4  ? -4.944  -2.231  1.290   1.00 78.25  ? 4   A   A C6     1 
ATOM   79  N N6     . A   A 1 4  ? -4.108  -2.271  0.248   1.00 79.90  ? 4   A   A N6     1 
ATOM   80  N N1     . A   A 1 4  ? -5.080  -3.342  2.041   1.00 85.07  ? 4   A   A N1     1 
ATOM   81  C C2     . A   A 1 4  ? -5.908  -3.317  3.089   1.00 78.70  ? 4   A   A C2     1 
ATOM   82  N N3     . A   A 1 4  ? -6.664  -2.326  3.540   1.00 82.74  ? 4   A   A N3     1 
ATOM   83  C C4     . A   A 1 4  ? -6.507  -1.237  2.773   1.00 89.09  ? 4   A   A C4     1 
ATOM   84  P P      . G   A 1 5  ? -5.748  2.670   7.436   1.00 119.55 ? 5   G   A P      1 
ATOM   85  O OP1    . G   A 1 5  ? -5.945  3.403   8.716   1.00 118.68 ? 5   G   A OP1    1 
ATOM   86  O OP2    . G   A 1 5  ? -4.773  3.179   6.435   1.00 102.77 ? 5   G   A OP2    1 
ATOM   87  O "O5'"  . G   A 1 5  ? -5.352  1.173   7.801   1.00 98.19  ? 5   G   A "O5'"  1 
ATOM   88  C "C5'"  . G   A 1 5  ? -5.961  0.517   8.903   1.00 95.48  ? 5   G   A "C5'"  1 
ATOM   89  C "C4'"  . G   A 1 5  ? -5.436  -0.885  9.071   1.00 98.54  ? 5   G   A "C4'"  1 
ATOM   90  O "O4'"  . G   A 1 5  ? -5.769  -1.674  7.897   1.00 104.88 ? 5   G   A "O4'"  1 
ATOM   91  C "C3'"  . G   A 1 5  ? -3.927  -1.030  9.177   1.00 100.51 ? 5   G   A "C3'"  1 
ATOM   92  O "O3'"  . G   A 1 5  ? -3.402  -0.720  10.455  1.00 101.24 ? 5   G   A "O3'"  1 
ATOM   93  C "C2'"  . G   A 1 5  ? -3.721  -2.475  8.761   1.00 94.34  ? 5   G   A "C2'"  1 
ATOM   94  O "O2'"  . G   A 1 5  ? -4.139  -3.346  9.801   1.00 90.94  ? 5   G   A "O2'"  1 
ATOM   95  C "C1'"  . G   A 1 5  ? -4.722  -2.581  7.621   1.00 93.22  ? 5   G   A "C1'"  1 
ATOM   96  N N9     . G   A 1 5  ? -4.112  -2.193  6.338   1.00 93.53  ? 5   G   A N9     1 
ATOM   97  C C8     . G   A 1 5  ? -4.325  -1.023  5.643   1.00 90.55  ? 5   G   A C8     1 
ATOM   98  N N7     . G   A 1 5  ? -3.642  -0.965  4.530   1.00 86.45  ? 5   G   A N7     1 
ATOM   99  C C5     . G   A 1 5  ? -2.939  -2.168  4.497   1.00 76.58  ? 5   G   A C5     1 
ATOM   100 C C6     . G   A 1 5  ? -2.033  -2.666  3.534   1.00 81.94  ? 5   G   A C6     1 
ATOM   101 O O6     . G   A 1 5  ? -1.664  -2.125  2.483   1.00 93.75  ? 5   G   A O6     1 
ATOM   102 N N1     . G   A 1 5  ? -1.547  -3.921  3.886   1.00 89.55  ? 5   G   A N1     1 
ATOM   103 C C2     . G   A 1 5  ? -1.886  -4.616  5.024   1.00 96.13  ? 5   G   A C2     1 
ATOM   104 N N2     . G   A 1 5  ? -1.303  -5.822  5.181   1.00 84.11  ? 5   G   A N2     1 
ATOM   105 N N3     . G   A 1 5  ? -2.733  -4.156  5.937   1.00 88.27  ? 5   G   A N3     1 
ATOM   106 C C4     . G   A 1 5  ? -3.214  -2.937  5.606   1.00 85.90  ? 5   G   A C4     1 
ATOM   107 P P      . A   A 1 6  ? -2.077  0.183   10.562  1.00 115.96 ? 6   A   A P      1 
ATOM   108 O OP1    . A   A 1 6  ? -1.867  0.509   11.995  1.00 121.43 ? 6   A   A OP1    1 
ATOM   109 O OP2    . A   A 1 6  ? -2.166  1.254   9.528   1.00 91.64  ? 6   A   A OP2    1 
ATOM   110 O "O5'"  . A   A 1 6  ? -0.904  -0.795  10.114  1.00 91.21  ? 6   A   A "O5'"  1 
ATOM   111 C "C5'"  . A   A 1 6  ? -0.782  -2.070  10.710  1.00 95.02  ? 6   A   A "C5'"  1 
ATOM   112 C "C4'"  . A   A 1 6  ? 0.274   -2.894  10.032  1.00 105.73 ? 6   A   A "C4'"  1 
ATOM   113 O "O4'"  . A   A 1 6  ? -0.170  -3.329  8.721   1.00 107.86 ? 6   A   A "O4'"  1 
ATOM   114 C "C3'"  . A   A 1 6  ? 1.587   -2.198  9.738   1.00 106.68 ? 6   A   A "C3'"  1 
ATOM   115 O "O3'"  . A   A 1 6  ? 2.390   -2.015  10.889  1.00 105.18 ? 6   A   A "O3'"  1 
ATOM   116 C "C2'"  . A   A 1 6  ? 2.192   -3.123  8.691   1.00 102.47 ? 6   A   A "C2'"  1 
ATOM   117 O "O2'"  . A   A 1 6  ? 2.671   -4.310  9.303   1.00 96.19  ? 6   A   A "O2'"  1 
ATOM   118 C "C1'"  . A   A 1 6  ? 0.951   -3.481  7.872   1.00 94.87  ? 6   A   A "C1'"  1 
ATOM   119 N N9     . A   A 1 6  ? 0.803   -2.590  6.703   1.00 89.63  ? 6   A   A N9     1 
ATOM   120 C C8     . A   A 1 6  ? 0.119   -1.406  6.596   1.00 90.92  ? 6   A   A C8     1 
ATOM   121 N N7     . A   A 1 6  ? 0.205   -0.853  5.406   1.00 81.43  ? 6   A   A N7     1 
ATOM   122 C C5     . A   A 1 6  ? 1.004   -1.724  4.686   1.00 76.63  ? 6   A   A C5     1 
ATOM   123 C C6     . A   A 1 6  ? 1.474   -1.713  3.362   1.00 80.99  ? 6   A   A C6     1 
ATOM   124 N N6     . A   A 1 6  ? 1.200   -0.756  2.479   1.00 82.16  ? 6   A   A N6     1 
ATOM   125 N N1     . A   A 1 6  ? 2.253   -2.738  2.962   1.00 94.44  ? 6   A   A N1     1 
ATOM   126 C C2     . A   A 1 6  ? 2.536   -3.707  3.842   1.00 93.26  ? 6   A   A C2     1 
ATOM   127 N N3     . A   A 1 6  ? 2.154   -3.832  5.110   1.00 89.96  ? 6   A   A N3     1 
ATOM   128 C C4     . A   A 1 6  ? 1.383   -2.794  5.474   1.00 88.00  ? 6   A   A C4     1 
ATOM   129 P P      . A   A 1 7  ? 3.651   -0.970  10.923  1.00 119.71 ? 7   A   A P      1 
ATOM   130 O OP1    . A   A 1 7  ? 4.040   -0.779  12.339  1.00 128.70 ? 7   A   A OP1    1 
ATOM   131 O OP2    . A   A 1 7  ? 3.345   0.225   10.087  1.00 88.34  ? 7   A   A OP2    1 
ATOM   132 O "O5'"  . A   A 1 7  ? 4.832   -1.790  10.238  1.00 104.26 ? 7   A   A "O5'"  1 
ATOM   133 C "C5'"  . A   A 1 7  ? 5.593   -1.225  9.157   1.00 101.90 ? 7   A   A "C5'"  1 
ATOM   134 C "C4'"  . A   A 1 7  ? 6.094   -2.319  8.247   1.00 101.57 ? 7   A   A "C4'"  1 
ATOM   135 O "O4'"  . A   A 1 7  ? 5.023   -2.721  7.348   1.00 110.44 ? 7   A   A "O4'"  1 
ATOM   136 C "C3'"  . A   A 1 7  ? 7.239   -1.918  7.324   1.00 109.17 ? 7   A   A "C3'"  1 
ATOM   137 O "O3'"  . A   A 1 7  ? 8.522   -2.044  7.939   1.00 115.81 ? 7   A   A "O3'"  1 
ATOM   138 C "C2'"  . A   A 1 7  ? 7.026   -2.835  6.133   1.00 96.04  ? 7   A   A "C2'"  1 
ATOM   139 O "O2'"  . A   A 1 7  ? 7.461   -4.154  6.373   1.00 100.36 ? 7   A   A "O2'"  1 
ATOM   140 C "C1'"  . A   A 1 7  ? 5.506   -2.795  6.020   1.00 99.15  ? 7   A   A "C1'"  1 
ATOM   141 N N9     . A   A 1 7  ? 5.011   -1.629  5.292   1.00 95.85  ? 7   A   A N9     1 
ATOM   142 C C8     . A   A 1 7  ? 4.241   -0.600  5.773   1.00 83.53  ? 7   A   A C8     1 
ATOM   143 N N7     . A   A 1 7  ? 3.952   0.308   4.875   1.00 83.57  ? 7   A   A N7     1 
ATOM   144 C C5     . A   A 1 7  ? 4.570   -0.154  3.722   1.00 76.34  ? 7   A   A C5     1 
ATOM   145 C C6     . A   A 1 7  ? 4.632   0.354   2.416   1.00 87.30  ? 7   A   A C6     1 
ATOM   146 N N6     . A   A 1 7  ? 4.050   1.492   2.036   1.00 86.97  ? 7   A   A N6     1 
ATOM   147 N N1     . A   A 1 7  ? 5.327   -0.354  1.501   1.00 92.25  ? 7   A   A N1     1 
ATOM   148 C C2     . A   A 1 7  ? 5.916   -1.492  1.883   1.00 96.68  ? 7   A   A C2     1 
ATOM   149 N N3     . A   A 1 7  ? 5.920   -2.078  3.077   1.00 94.32  ? 7   A   A N3     1 
ATOM   150 C C4     . A   A 1 7  ? 5.225   -1.346  3.965   1.00 97.20  ? 7   A   A C4     1 
ATOM   151 P P      . A   A 1 8  ? 9.628   -0.859  7.804   1.00 117.96 ? 8   A   A P      1 
ATOM   152 O OP1    . A   A 1 8  ? 10.742  -1.170  8.734   1.00 126.31 ? 8   A   A OP1    1 
ATOM   153 O OP2    . A   A 1 8  ? 8.914   0.442   7.958   1.00 85.26  ? 8   A   A OP2    1 
ATOM   154 O "O5'"  . A   A 1 8  ? 10.207  -1.022  6.332   1.00 96.15  ? 8   A   A "O5'"  1 
ATOM   155 C "C5'"  . A   A 1 8  ? 10.717  -2.281  5.919   1.00 105.91 ? 8   A   A "C5'"  1 
ATOM   156 C "C4'"  . A   A 1 8  ? 11.221  -2.245  4.502   1.00 110.94 ? 8   A   A "C4'"  1 
ATOM   157 O "O4'"  . A   A 1 8  ? 10.093  -2.294  3.586   1.00 104.85 ? 8   A   A "O4'"  1 
ATOM   158 C "C3'"  . A   A 1 8  ? 11.975  -0.985  4.099   1.00 114.10 ? 8   A   A "C3'"  1 
ATOM   159 O "O3'"  . A   A 1 8  ? 13.336  -0.976  4.504   1.00 94.02  ? 8   A   A "O3'"  1 
ATOM   160 C "C2'"  . A   A 1 8  ? 11.774  -0.956  2.591   1.00 106.69 ? 8   A   A "C2'"  1 
ATOM   161 O "O2'"  . A   A 1 8  ? 12.615  -1.913  1.964   1.00 111.58 ? 8   A   A "O2'"  1 
ATOM   162 C "C1'"  . A   A 1 8  ? 10.328  -1.436  2.489   1.00 105.31 ? 8   A   A "C1'"  1 
ATOM   163 N N9     . A   A 1 8  ? 9.386   -0.304  2.581   1.00 101.51 ? 8   A   A N9     1 
ATOM   164 C C8     . A   A 1 8  ? 8.685   0.132   3.679   1.00 88.94  ? 8   A   A C8     1 
ATOM   165 N N7     . A   A 1 8  ? 7.928   1.180   3.438   1.00 93.47  ? 8   A   A N7     1 
ATOM   166 C C5     . A   A 1 8  ? 8.145   1.458   2.096   1.00 87.84  ? 8   A   A C5     1 
ATOM   167 C C6     . A   A 1 8  ? 7.640   2.453   1.229   1.00 87.81  ? 8   A   A C6     1 
ATOM   168 N N6     . A   A 1 8  ? 6.768   3.402   1.583   1.00 78.22  ? 8   A   A N6     1 
ATOM   169 N N1     . A   A 1 8  ? 8.072   2.441   -0.051  1.00 90.50  ? 8   A   A N1     1 
ATOM   170 C C2     . A   A 1 8  ? 8.944   1.492   -0.424  1.00 102.75 ? 8   A   A C2     1 
ATOM   171 N N3     . A   A 1 8  ? 9.492   0.505   0.290   1.00 104.15 ? 8   A   A N3     1 
ATOM   172 C C4     . A   A 1 8  ? 9.044   0.549   1.558   1.00 103.23 ? 8   A   A C4     1 
ATOM   173 P P      . A   A 1 9  ? 14.109  0.406   4.898   1.00 103.86 ? 9   A   A P      1 
ATOM   174 O OP1    . A   A 1 9  ? 15.419  0.039   5.482   1.00 129.41 ? 9   A   A OP1    1 
ATOM   175 O OP2    . A   A 1 9  ? 13.197  1.298   5.665   1.00 105.26 ? 9   A   A OP2    1 
ATOM   176 O "O5'"  . A   A 1 9  ? 14.427  1.075   3.489   1.00 103.88 ? 9   A   A "O5'"  1 
ATOM   177 C "C5'"  . A   A 1 9  ? 15.180  0.358   2.500   1.00 98.91  ? 9   A   A "C5'"  1 
ATOM   178 C "C4'"  . A   A 1 9  ? 15.060  1.046   1.168   1.00 88.15  ? 9   A   A "C4'"  1 
ATOM   179 O "O4'"  . A   A 1 9  ? 13.681  1.023   0.710   1.00 94.08  ? 9   A   A "O4'"  1 
ATOM   180 C "C3'"  . A   A 1 9  ? 15.375  2.532   1.184   1.00 96.02  ? 9   A   A "C3'"  1 
ATOM   181 O "O3'"  . A   A 1 9  ? 16.774  2.793   1.300   1.00 86.37  ? 9   A   A "O3'"  1 
ATOM   182 C "C2'"  . A   A 1 9  ? 14.725  2.982   -0.112  1.00 90.78  ? 9   A   A "C2'"  1 
ATOM   183 O "O2'"  . A   A 1 9  ? 15.496  2.630   -1.239  1.00 94.24  ? 9   A   A "O2'"  1 
ATOM   184 C "C1'"  . A   A 1 9  ? 13.427  2.176   -0.080  1.00 94.53  ? 9   A   A "C1'"  1 
ATOM   185 N N9     . A   A 1 9  ? 12.322  2.919   0.523   1.00 87.91  ? 9   A   A N9     1 
ATOM   186 C C8     . A   A 1 9  ? 11.796  2.792   1.784   1.00 98.27  ? 9   A   A C8     1 
ATOM   187 N N7     . A   A 1 9  ? 10.810  3.617   2.032   1.00 98.75  ? 9   A   A N7     1 
ATOM   188 C C5     . A   A 1 9  ? 10.680  4.342   0.856   1.00 93.77  ? 9   A   A C5     1 
ATOM   189 C C6     . A   A 1 9  ? 9.803   5.372   0.473   1.00 93.38  ? 9   A   A C6     1 
ATOM   190 N N6     . A   A 1 9  ? 8.861   5.879   1.270   1.00 94.44  ? 9   A   A N6     1 
ATOM   191 N N1     . A   A 1 9  ? 9.940   5.882   -0.770  1.00 91.72  ? 9   A   A N1     1 
ATOM   192 C C2     . A   A 1 9  ? 10.890  5.380   -1.566  1.00 88.35  ? 9   A   A C2     1 
ATOM   193 N N3     . A   A 1 9  ? 11.766  4.407   -1.324  1.00 83.45  ? 9   A   A N3     1 
ATOM   194 C C4     . A   A 1 9  ? 11.607  3.926   -0.080  1.00 78.03  ? 9   A   A C4     1 
ATOM   195 P P      . G   A 1 10 ? 17.328  4.068   2.145   1.00 97.01  ? 10  G   A P      1 
ATOM   196 O OP1    . G   A 1 10 ? 18.801  3.924   2.266   1.00 115.38 ? 10  G   A OP1    1 
ATOM   197 O OP2    . G   A 1 10 ? 16.489  4.232   3.360   1.00 96.37  ? 10  G   A OP2    1 
ATOM   198 O "O5'"  . G   A 1 10 ? 17.017  5.318   1.205   1.00 95.09  ? 10  G   A "O5'"  1 
ATOM   199 C "C5'"  . G   A 1 10 ? 17.573  5.417   -0.094  1.00 72.85  ? 10  G   A "C5'"  1 
ATOM   200 C "C4'"  . G   A 1 10 ? 16.902  6.502   -0.899  1.00 82.41  ? 10  G   A "C4'"  1 
ATOM   201 O "O4'"  . G   A 1 10 ? 15.496  6.189   -1.085  1.00 86.87  ? 10  G   A "O4'"  1 
ATOM   202 C "C3'"  . G   A 1 10 ? 16.878  7.887   -0.278  1.00 84.69  ? 10  G   A "C3'"  1 
ATOM   203 O "O3'"  . G   A 1 10 ? 18.104  8.578   -0.411  1.00 97.44  ? 10  G   A "O3'"  1 
ATOM   204 C "C2'"  . G   A 1 10 ? 15.728  8.554   -1.020  1.00 96.08  ? 10  G   A "C2'"  1 
ATOM   205 O "O2'"  . G   A 1 10 ? 16.141  8.969   -2.315  1.00 96.11  ? 10  G   A "O2'"  1 
ATOM   206 C "C1'"  . G   A 1 10 ? 14.748  7.387   -1.166  1.00 83.77  ? 10  G   A "C1'"  1 
ATOM   207 N N9     . G   A 1 10 ? 13.728  7.406   -0.099  1.00 86.22  ? 10  G   A N9     1 
ATOM   208 C C8     . G   A 1 10 ? 13.652  6.615   1.023   1.00 91.57  ? 10  G   A C8     1 
ATOM   209 N N7     . G   A 1 10 ? 12.622  6.903   1.776   1.00 93.86  ? 10  G   A N7     1 
ATOM   210 C C5     . G   A 1 10 ? 11.980  7.945   1.115   1.00 82.46  ? 10  G   A C5     1 
ATOM   211 C C6     . G   A 1 10 ? 10.806  8.676   1.447   1.00 87.69  ? 10  G   A C6     1 
ATOM   212 O O6     . G   A 1 10 ? 10.055  8.558   2.428   1.00 94.52  ? 10  G   A O6     1 
ATOM   213 N N1     . G   A 1 10 ? 10.525  9.645   0.498   1.00 70.87  ? 10  G   A N1     1 
ATOM   214 C C2     . G   A 1 10 ? 11.263  9.879   -0.627  1.00 73.66  ? 10  G   A C2     1 
ATOM   215 N N2     . G   A 1 10 ? 10.818  10.864  -1.418  1.00 86.55  ? 10  G   A N2     1 
ATOM   216 N N3     . G   A 1 10 ? 12.353  9.210   -0.951  1.00 80.25  ? 10  G   A N3     1 
ATOM   217 C C4     . G   A 1 10 ? 12.653  8.265   -0.041  1.00 82.72  ? 10  G   A C4     1 
ATOM   218 O "O5'"  . DC  B 2 1  ? 3.197   14.157  -0.601  1.00 116.68 ? 11  DC  B "O5'"  1 
ATOM   219 C "C5'"  . DC  B 2 1  ? 3.783   15.458  -0.694  1.00 112.32 ? 11  DC  B "C5'"  1 
ATOM   220 C "C4'"  . DC  B 2 1  ? 5.030   15.412  -1.551  1.00 112.02 ? 11  DC  B "C4'"  1 
ATOM   221 O "O4'"  . DC  B 2 1  ? 6.208   15.531  -0.704  1.00 107.63 ? 11  DC  B "O4'"  1 
ATOM   222 C "C3'"  . DC  B 2 1  ? 5.220   14.108  -2.305  1.00 120.21 ? 11  DC  B "C3'"  1 
ATOM   223 O "O3'"  . DC  B 2 1  ? 4.538   14.147  -3.556  1.00 100.07 ? 11  DC  B "O3'"  1 
ATOM   224 C "C2'"  . DC  B 2 1  ? 6.732   14.060  -2.479  1.00 118.36 ? 11  DC  B "C2'"  1 
ATOM   225 C "C1'"  . DC  B 2 1  ? 7.203   14.611  -1.132  1.00 103.24 ? 11  DC  B "C1'"  1 
ATOM   226 N N1     . DC  B 2 1  ? 7.362   13.566  -0.072  1.00 105.27 ? 11  DC  B N1     1 
ATOM   227 C C2     . DC  B 2 1  ? 8.315   12.532  -0.223  1.00 107.31 ? 11  DC  B C2     1 
ATOM   228 O O2     . DC  B 2 1  ? 9.014   12.488  -1.244  1.00 97.35  ? 11  DC  B O2     1 
ATOM   229 N N3     . DC  B 2 1  ? 8.436   11.605  0.763   1.00 95.68  ? 11  DC  B N3     1 
ATOM   230 C C4     . DC  B 2 1  ? 7.668   11.686  1.856   1.00 93.34  ? 11  DC  B C4     1 
ATOM   231 N N4     . DC  B 2 1  ? 7.818   10.753  2.798   1.00 82.76  ? 11  DC  B N4     1 
ATOM   232 C C5     . DC  B 2 1  ? 6.706   12.727  2.025   1.00 96.48  ? 11  DC  B C5     1 
ATOM   233 C C6     . DC  B 2 1  ? 6.590   13.635  1.049   1.00 91.98  ? 11  DC  B C6     1 
ATOM   234 P P      . DT  B 2 2  ? 3.678   12.885  -4.127  1.00 123.43 ? 12  DT  B P      1 
ATOM   235 O OP1    . DT  B 2 2  ? 2.710   13.411  -5.114  1.00 129.07 ? 12  DT  B OP1    1 
ATOM   236 O OP2    . DT  B 2 2  ? 3.184   12.042  -3.003  1.00 107.68 ? 12  DT  B OP2    1 
ATOM   237 O "O5'"  . DT  B 2 2  ? 4.751   12.068  -4.968  1.00 109.00 ? 12  DT  B "O5'"  1 
ATOM   238 C "C5'"  . DT  B 2 2  ? 5.786   12.758  -5.685  1.00 114.85 ? 12  DT  B "C5'"  1 
ATOM   239 C "C4'"  . DT  B 2 2  ? 6.993   11.862  -5.804  1.00 113.31 ? 12  DT  B "C4'"  1 
ATOM   240 O "O4'"  . DT  B 2 2  ? 7.661   11.736  -4.533  1.00 102.23 ? 12  DT  B "O4'"  1 
ATOM   241 C "C3'"  . DT  B 2 2  ? 6.643   10.435  -6.183  1.00 115.23 ? 12  DT  B "C3'"  1 
ATOM   242 O "O3'"  . DT  B 2 2  ? 6.499   10.373  -7.596  1.00 127.72 ? 12  DT  B "O3'"  1 
ATOM   243 C "C2'"  . DT  B 2 2  ? 7.847   9.666   -5.678  1.00 106.46 ? 12  DT  B "C2'"  1 
ATOM   244 C "C1'"  . DT  B 2 2  ? 8.286   10.459  -4.451  1.00 96.01  ? 12  DT  B "C1'"  1 
ATOM   245 N N1     . DT  B 2 2  ? 7.914   9.855   -3.162  1.00 99.96  ? 12  DT  B N1     1 
ATOM   246 C C2     . DT  B 2 2  ? 8.692   8.832   -2.674  1.00 90.47  ? 12  DT  B C2     1 
ATOM   247 O O2     . DT  B 2 2  ? 9.673   8.403   -3.258  1.00 80.69  ? 12  DT  B O2     1 
ATOM   248 N N3     . DT  B 2 2  ? 8.288   8.335   -1.461  1.00 81.16  ? 12  DT  B N3     1 
ATOM   249 C C4     . DT  B 2 2  ? 7.211   8.753   -0.704  1.00 94.79  ? 12  DT  B C4     1 
ATOM   250 O O4     . DT  B 2 2  ? 6.964   8.202   0.364   1.00 94.87  ? 12  DT  B O4     1 
ATOM   251 C C5     . DT  B 2 2  ? 6.433   9.825   -1.281  1.00 100.00 ? 12  DT  B C5     1 
ATOM   252 C C7     . DT  B 2 2  ? 5.235   10.330  -0.542  1.00 97.49  ? 12  DT  B C7     1 
ATOM   253 C C6     . DT  B 2 2  ? 6.818   10.314  -2.464  1.00 102.37 ? 12  DT  B C6     1 
HETATM 254 C C1     . 05H B 2 3  ? 5.658   2.694   -7.659  1.00 100.82 ? 13  05H B C1     1 
HETATM 255 C "C1'"  . 05H B 2 3  ? 7.106   -0.050  -4.189  1.00 98.67  ? 13  05H B "C1'"  1 
HETATM 256 C C5A    . 05H B 2 3  ? 4.939   6.927   -2.489  1.00 82.44  ? 13  05H B C5A    1 
HETATM 257 C C2     . 05H B 2 3  ? 6.051   0.246   -1.910  1.00 92.33  ? 13  05H B C2     1 
HETATM 258 C "C2'"  . 05H B 2 3  ? 6.776   -1.519  -4.418  1.00 98.03  ? 13  05H B "C2'"  1 
HETATM 259 C C21    . 05H B 2 3  ? 8.103   4.279   -3.427  1.00 89.93  ? 13  05H B C21    1 
HETATM 260 C C3     . 05H B 2 3  ? 8.696   5.558   -8.381  1.00 98.27  ? 13  05H B C3     1 
HETATM 261 C "C3'"  . 05H B 2 3  ? 6.012   -1.487  -5.715  1.00 97.27  ? 13  05H B "C3'"  1 
HETATM 262 C C4     . 05H B 2 3  ? 4.382   1.819   -1.544  1.00 89.17  ? 13  05H B C4     1 
HETATM 263 C "C4'"  . 05H B 2 3  ? 6.610   -0.342  -6.484  1.00 96.22  ? 13  05H B "C4'"  1 
HETATM 264 C C41    . 05H B 2 3  ? 6.474   4.930   -1.926  1.00 84.99  ? 13  05H B C41    1 
HETATM 265 C C5     . 05H B 2 3  ? 4.464   2.212   -2.961  1.00 92.64  ? 13  05H B C5     1 
HETATM 266 C "C5'"  . 05H B 2 3  ? 5.538   0.255   -7.369  1.00 90.23  ? 13  05H B "C5'"  1 
HETATM 267 C C51    . 05H B 2 3  ? 6.072   6.011   -2.838  1.00 85.30  ? 13  05H B C51    1 
HETATM 268 C C6     . 05H B 2 3  ? 5.377   1.570   -3.770  1.00 90.50  ? 13  05H B C6     1 
HETATM 269 C C61    . 05H B 2 3  ? 6.765   6.177   -4.011  1.00 96.29  ? 13  05H B C61    1 
HETATM 270 C C5M    . 05H B 2 3  ? 3.579   3.291   -3.514  1.00 86.19  ? 13  05H B C5M    1 
HETATM 271 C C11    . 05H B 2 3  ? 6.459   3.808   -8.261  1.00 107.13 ? 13  05H B C11    1 
HETATM 272 N N1     . 05H B 2 3  ? 6.154   0.601   -3.278  1.00 88.64  ? 13  05H B N1     1 
HETATM 273 N N11    . 05H B 2 3  ? 7.748   5.316   -4.333  1.00 93.76  ? 13  05H B N11    1 
HETATM 274 N N3     . 05H B 2 3  ? 5.183   0.858   -1.104  1.00 91.20  ? 13  05H B N3     1 
HETATM 275 N N31    . 05H B 2 3  ? 7.461   4.115   -2.277  1.00 87.08  ? 13  05H B N31    1 
HETATM 276 N "N5'"  . 05H B 2 3  ? 6.132   1.478   -7.853  1.00 99.47  ? 13  05H B "N5'"  1 
HETATM 277 O O2     . 05H B 2 3  ? 6.760   -0.646  -1.405  1.00 94.75  ? 13  05H B O2     1 
HETATM 278 O "O2'"  . 05H B 2 3  ? 9.111   4.417   -7.619  1.00 107.20 ? 13  05H B "O2'"  1 
HETATM 279 O O21    . 05H B 2 3  ? 9.027   3.472   -3.647  1.00 102.39 ? 13  05H B O21    1 
HETATM 280 O O1     . 05H B 2 3  ? 4.644   2.925   -7.028  1.00 97.98  ? 13  05H B O1     1 
HETATM 281 O "O3'"  . 05H B 2 3  ? 6.022   -2.720  -6.475  1.00 106.63 ? 13  05H B "O3'"  1 
HETATM 282 O O4     . 05H B 2 3  ? 3.576   2.374   -0.777  1.00 90.61  ? 13  05H B O4     1 
HETATM 283 O "O4'"  . 05H B 2 3  ? 7.018   0.583   -5.473  1.00 108.67 ? 13  05H B "O4'"  1 
HETATM 284 O O41    . 05H B 2 3  ? 5.876   4.777   -0.848  1.00 91.45  ? 13  05H B O41    1 
HETATM 285 O "O5'"  . 05H B 2 3  ? 6.823   8.145   -8.601  1.00 102.52 ? 13  05H B "O5'"  1 
HETATM 286 O OP1    . 05H B 2 3  ? 4.966   9.703   -9.417  1.00 137.19 ? 13  05H B OP1    1 
HETATM 287 O OP2    . 05H B 2 3  ? 4.690   8.601   -7.120  1.00 90.96  ? 13  05H B OP2    1 
HETATM 288 P P      . 05H B 2 3  ? 5.683   9.190   -8.235  1.00 130.32 ? 13  05H B P      1 
HETATM 289 C "C1'1" . 05H B 2 3  ? 8.463   5.471   -5.614  1.00 93.73  ? 13  05H B "C1'1" 1 
HETATM 290 C "C2'1" . 05H B 2 3  ? 8.211   4.280   -6.530  1.00 105.90 ? 13  05H B "C2'1" 1 
HETATM 291 C "C3'1" . 05H B 2 3  ? 6.904   4.689   -7.122  1.00 110.52 ? 13  05H B "C3'1" 1 
HETATM 292 C "C4'1" . 05H B 2 3  ? 7.454   5.990   -7.610  1.00 108.99 ? 13  05H B "C4'1" 1 
HETATM 293 C "C5'1" . 05H B 2 3  ? 6.437   6.817   -8.390  1.00 104.57 ? 13  05H B "C5'1" 1 
HETATM 294 O "O4'1" . 05H B 2 3  ? 7.929   6.565   -6.382  1.00 110.59 ? 13  05H B "O4'1" 1 
ATOM   295 P P      . DT  B 2 4  ? 4.712   -3.693  -6.537  1.00 97.66  ? 14  DT  B P      1 
ATOM   296 O OP1    . DT  B 2 4  ? 4.912   -4.615  -7.675  1.00 104.42 ? 14  DT  B OP1    1 
ATOM   297 O OP2    . DT  B 2 4  ? 3.509   -2.827  -6.446  1.00 98.23  ? 14  DT  B OP2    1 
ATOM   298 O "O5'"  . DT  B 2 4  ? 4.812   -4.532  -5.189  1.00 106.28 ? 14  DT  B "O5'"  1 
ATOM   299 C "C5'"  . DT  B 2 4  ? 5.928   -5.357  -4.959  1.00 91.07  ? 14  DT  B "C5'"  1 
ATOM   300 C "C4'"  . DT  B 2 4  ? 5.871   -5.932  -3.563  1.00 87.96  ? 14  DT  B "C4'"  1 
ATOM   301 O "O4'"  . DT  B 2 4  ? 6.063   -4.870  -2.606  1.00 91.62  ? 14  DT  B "O4'"  1 
ATOM   302 C "C3'"  . DT  B 2 4  ? 4.538   -6.523  -3.172  1.00 97.24  ? 14  DT  B "C3'"  1 
ATOM   303 O "O3'"  . DT  B 2 4  ? 4.407   -7.822  -3.680  1.00 80.51  ? 14  DT  B "O3'"  1 
ATOM   304 C "C2'"  . DT  B 2 4  ? 4.643   -6.515  -1.652  1.00 87.80  ? 14  DT  B "C2'"  1 
ATOM   305 C "C1'"  . DT  B 2 4  ? 5.374   -5.194  -1.407  1.00 96.69  ? 14  DT  B "C1'"  1 
ATOM   306 N N1     . DT  B 2 4  ? 4.468   -4.065  -1.054  1.00 93.28  ? 14  DT  B N1     1 
ATOM   307 C C2     . DT  B 2 4  ? 4.044   -3.936  0.246   1.00 95.31  ? 14  DT  B C2     1 
ATOM   308 O O2     . DT  B 2 4  ? 4.368   -4.713  1.131   1.00 92.62  ? 14  DT  B O2     1 
ATOM   309 N N3     . DT  B 2 4  ? 3.215   -2.867  0.478   1.00 90.28  ? 14  DT  B N3     1 
ATOM   310 C C4     . DT  B 2 4  ? 2.779   -1.935  -0.443  1.00 88.26  ? 14  DT  B C4     1 
ATOM   311 O O4     . DT  B 2 4  ? 2.036   -1.007  -0.138  1.00 88.77  ? 14  DT  B O4     1 
ATOM   312 C C5     . DT  B 2 4  ? 3.263   -2.126  -1.790  1.00 92.92  ? 14  DT  B C5     1 
ATOM   313 C C7     . DT  B 2 4  ? 2.860   -1.174  -2.873  1.00 77.84  ? 14  DT  B C7     1 
ATOM   314 C C6     . DT  B 2 4  ? 4.075   -3.173  -2.030  1.00 89.79  ? 14  DT  B C6     1 
ATOM   315 P P      . DC  B 2 5  ? 2.949   -8.481  -3.773  1.00 98.68  ? 15  DC  B P      1 
ATOM   316 O OP1    . DC  B 2 5  ? 3.038   -9.746  -4.536  1.00 85.22  ? 15  DC  B OP1    1 
ATOM   317 O OP2    . DC  B 2 5  ? 2.052   -7.407  -4.250  1.00 112.68 ? 15  DC  B OP2    1 
ATOM   318 O "O5'"  . DC  B 2 5  ? 2.554   -8.769  -2.242  1.00 100.32 ? 15  DC  B "O5'"  1 
ATOM   319 C "C5'"  . DC  B 2 5  ? 3.298   -9.688  -1.469  1.00 85.04  ? 15  DC  B "C5'"  1 
ATOM   320 C "C4'"  . DC  B 2 5  ? 2.755   -9.773  -0.053  1.00 101.30 ? 15  DC  B "C4'"  1 
ATOM   321 O "O4'"  . DC  B 2 5  ? 3.044   -8.548  0.666   1.00 90.83  ? 15  DC  B "O4'"  1 
ATOM   322 C "C3'"  . DC  B 2 5  ? 1.251   -9.906  0.061   1.00 104.64 ? 15  DC  B "C3'"  1 
ATOM   323 O "O3'"  . DC  B 2 5  ? 0.838   -11.249 -0.170  1.00 90.91  ? 15  DC  B "O3'"  1 
ATOM   324 C "C2'"  . DC  B 2 5  ? 1.033   -9.486  1.512   1.00 100.89 ? 15  DC  B "C2'"  1 
ATOM   325 C "C1'"  . DC  B 2 5  ? 2.027   -8.329  1.643   1.00 96.92  ? 15  DC  B "C1'"  1 
ATOM   326 N N1     . DC  B 2 5  ? 1.407   -6.976  1.402   1.00 99.22  ? 15  DC  B N1     1 
ATOM   327 C C2     . DC  B 2 5  ? 0.703   -6.330  2.436   1.00 87.21  ? 15  DC  B C2     1 
ATOM   328 O O2     . DC  B 2 5  ? 0.595   -6.884  3.537   1.00 94.16  ? 15  DC  B O2     1 
ATOM   329 N N3     . DC  B 2 5  ? 0.159   -5.114  2.195   1.00 84.53  ? 15  DC  B N3     1 
ATOM   330 C C4     . DC  B 2 5  ? 0.297   -4.544  0.996   1.00 89.40  ? 15  DC  B C4     1 
ATOM   331 N N4     . DC  B 2 5  ? -0.257  -3.345  0.807   1.00 95.62  ? 15  DC  B N4     1 
ATOM   332 C C5     . DC  B 2 5  ? 1.006   -5.180  -0.063  1.00 86.44  ? 15  DC  B C5     1 
ATOM   333 C C6     . DC  B 2 5  ? 1.538   -6.382  0.181   1.00 89.35  ? 15  DC  B C6     1 
ATOM   334 P P      . DT  B 2 6  ? -0.627  -11.524 -0.778  1.00 110.64 ? 16  DT  B P      1 
ATOM   335 O OP1    . DT  B 2 6  ? -0.828  -12.987 -0.870  1.00 96.93  ? 16  DT  B OP1    1 
ATOM   336 O OP2    . DT  B 2 6  ? -0.772  -10.654 -1.965  1.00 106.64 ? 16  DT  B OP2    1 
ATOM   337 O "O5'"  . DT  B 2 6  ? -1.633  -10.967 0.331   1.00 93.25  ? 16  DT  B "O5'"  1 
ATOM   338 C "C5'"  . DT  B 2 6  ? -1.841  -11.706 1.518   1.00 96.79  ? 16  DT  B "C5'"  1 
ATOM   339 C "C4'"  . DT  B 2 6  ? -2.753  -10.959 2.471   1.00 96.81  ? 16  DT  B "C4'"  1 
ATOM   340 O "O4'"  . DT  B 2 6  ? -2.211  -9.646  2.725   1.00 91.60  ? 16  DT  B "O4'"  1 
ATOM   341 C "C3'"  . DT  B 2 6  ? -4.159  -10.705 1.956   1.00 87.48  ? 16  DT  B "C3'"  1 
ATOM   342 O "O3'"  . DT  B 2 6  ? -4.977  -11.825 2.226   1.00 80.11  ? 16  DT  B "O3'"  1 
ATOM   343 C "C2'"  . DT  B 2 6  ? -4.581  -9.503  2.792   1.00 96.60  ? 16  DT  B "C2'"  1 
ATOM   344 C "C1'"  . DT  B 2 6  ? -3.268  -8.731  2.940   1.00 89.36  ? 16  DT  B "C1'"  1 
ATOM   345 N N1     . DT  B 2 6  ? -3.125  -7.607  1.973   1.00 90.34  ? 16  DT  B N1     1 
ATOM   346 C C2     . DT  B 2 6  ? -3.671  -6.390  2.290   1.00 86.37  ? 16  DT  B C2     1 
ATOM   347 O O2     . DT  B 2 6  ? -4.276  -6.182  3.325   1.00 82.84  ? 16  DT  B O2     1 
ATOM   348 N N3     . DT  B 2 6  ? -3.486  -5.417  1.348   1.00 83.67  ? 16  DT  B N3     1 
ATOM   349 C C4     . DT  B 2 6  ? -2.824  -5.538  0.146   1.00 82.67  ? 16  DT  B C4     1 
ATOM   350 O O4     . DT  B 2 6  ? -2.709  -4.600  -0.633  1.00 94.98  ? 16  DT  B O4     1 
ATOM   351 C C5     . DT  B 2 6  ? -2.276  -6.845  -0.130  1.00 86.62  ? 16  DT  B C5     1 
ATOM   352 C C7     . DT  B 2 6  ? -1.535  -7.094  -1.412  1.00 91.15  ? 16  DT  B C7     1 
ATOM   353 C C6     . DT  B 2 6  ? -2.448  -7.808  0.789   1.00 81.06  ? 16  DT  B C6     1 
ATOM   354 P P      . DT  B 2 7  ? -6.276  -12.115 1.334   1.00 87.01  ? 17  DT  B P      1 
ATOM   355 O OP1    . DT  B 2 7  ? -6.741  -13.487 1.633   1.00 102.11 ? 17  DT  B OP1    1 
ATOM   356 O OP2    . DT  B 2 7  ? -5.926  -11.748 -0.060  1.00 87.04  ? 17  DT  B OP2    1 
ATOM   357 O "O5'"  . DT  B 2 7  ? -7.369  -11.086 1.888   1.00 81.09  ? 17  DT  B "O5'"  1 
ATOM   358 C "C5'"  . DT  B 2 7  ? -7.765  -11.131 3.237   1.00 81.02  ? 17  DT  B "C5'"  1 
ATOM   359 C "C4'"  . DT  B 2 7  ? -8.538  -9.878  3.613   1.00 96.52  ? 17  DT  B "C4'"  1 
ATOM   360 O "O4'"  . DT  B 2 7  ? -7.681  -8.726  3.461   1.00 98.49  ? 17  DT  B "O4'"  1 
ATOM   361 C "C3'"  . DT  B 2 7  ? -9.752  -9.584  2.747   1.00 84.92  ? 17  DT  B "C3'"  1 
ATOM   362 O "O3'"  . DT  B 2 7  ? -10.887 -10.214 3.300   1.00 100.30 ? 17  DT  B "O3'"  1 
ATOM   363 C "C2'"  . DT  B 2 7  ? -9.880  -8.068  2.853   1.00 87.92  ? 17  DT  B "C2'"  1 
ATOM   364 C "C1'"  . DT  B 2 7  ? -8.449  -7.603  3.067   1.00 92.03  ? 17  DT  B "C1'"  1 
ATOM   365 N N1     . DT  B 2 7  ? -7.833  -6.999  1.856   1.00 88.87  ? 17  DT  B N1     1 
ATOM   366 C C2     . DT  B 2 7  ? -7.998  -5.658  1.626   1.00 81.11  ? 17  DT  B C2     1 
ATOM   367 O O2     . DT  B 2 7  ? -8.638  -4.926  2.365   1.00 87.58  ? 17  DT  B O2     1 
ATOM   368 N N3     . DT  B 2 7  ? -7.385  -5.193  0.500   1.00 65.93  ? 17  DT  B N3     1 
ATOM   369 C C4     . DT  B 2 7  ? -6.641  -5.913  -0.401  1.00 80.03  ? 17  DT  B C4     1 
ATOM   370 O O4     . DT  B 2 7  ? -6.126  -5.394  -1.384  1.00 81.98  ? 17  DT  B O4     1 
ATOM   371 C C5     . DT  B 2 7  ? -6.511  -7.321  -0.106  1.00 89.58  ? 17  DT  B C5     1 
ATOM   372 C C7     . DT  B 2 7  ? -5.724  -8.210  -1.020  1.00 66.88  ? 17  DT  B C7     1 
ATOM   373 C C6     . DT  B 2 7  ? -7.106  -7.792  0.997   1.00 81.03  ? 17  DT  B C6     1 
ATOM   374 P P      . DT  B 2 8  ? -12.254 -10.319 2.462   1.00 93.70  ? 18  DT  B P      1 
ATOM   375 O OP1    . DT  B 2 8  ? -13.257 -10.980 3.332   1.00 78.90  ? 18  DT  B OP1    1 
ATOM   376 O OP2    . DT  B 2 8  ? -11.900 -10.859 1.127   1.00 70.79  ? 18  DT  B OP2    1 
ATOM   377 O "O5'"  . DT  B 2 8  ? -12.733 -8.804  2.280   1.00 88.02  ? 18  DT  B "O5'"  1 
ATOM   378 C "C5'"  . DT  B 2 8  ? -13.314 -8.105  3.370   1.00 89.45  ? 18  DT  B "C5'"  1 
ATOM   379 C "C4'"  . DT  B 2 8  ? -13.602 -6.671  2.974   1.00 99.96  ? 18  DT  B "C4'"  1 
ATOM   380 O "O4'"  . DT  B 2 8  ? -12.418 -6.089  2.408   1.00 94.06  ? 18  DT  B "O4'"  1 
ATOM   381 C "C3'"  . DT  B 2 8  ? -14.654 -6.529  1.901   1.00 103.78 ? 18  DT  B "C3'"  1 
ATOM   382 O "O3'"  . DT  B 2 8  ? -15.913 -6.409  2.517   1.00 113.87 ? 18  DT  B "O3'"  1 
ATOM   383 C "C2'"  . DT  B 2 8  ? -14.260 -5.240  1.168   1.00 94.92  ? 18  DT  B "C2'"  1 
ATOM   384 C "C1'"  . DT  B 2 8  ? -12.772 -5.082  1.487   1.00 90.18  ? 18  DT  B "C1'"  1 
ATOM   385 N N1     . DT  B 2 8  ? -11.880 -5.210  0.306   1.00 83.49  ? 18  DT  B N1     1 
ATOM   386 C C2     . DT  B 2 8  ? -11.557 -4.088  -0.420  1.00 86.91  ? 18  DT  B C2     1 
ATOM   387 O O2     . DT  B 2 8  ? -11.982 -2.980  -0.160  1.00 95.45  ? 18  DT  B O2     1 
ATOM   388 N N3     . DT  B 2 8  ? -10.717 -4.309  -1.476  1.00 82.23  ? 18  DT  B N3     1 
ATOM   389 C C4     . DT  B 2 8  ? -10.167 -5.517  -1.863  1.00 82.47  ? 18  DT  B C4     1 
ATOM   390 O O4     . DT  B 2 8  ? -9.417  -5.619  -2.829  1.00 87.18  ? 18  DT  B O4     1 
ATOM   391 C C5     . DT  B 2 8  ? -10.540 -6.653  -1.058  1.00 86.97  ? 18  DT  B C5     1 
ATOM   392 C C7     . DT  B 2 8  ? -10.006 -8.015  -1.392  1.00 77.86  ? 18  DT  B C7     1 
ATOM   393 C C6     . DT  B 2 8  ? -11.368 -6.448  -0.020  1.00 79.40  ? 18  DT  B C6     1 
ATOM   394 P P      . DG  B 2 9  ? -17.248 -6.628  1.659   1.00 120.40 ? 19  DG  B P      1 
ATOM   395 O OP1    . DG  B 2 9  ? -18.329 -6.893  2.641   1.00 100.49 ? 19  DG  B OP1    1 
ATOM   396 O OP2    . DG  B 2 9  ? -16.938 -7.617  0.590   1.00 92.50  ? 19  DG  B OP2    1 
ATOM   397 O "O5'"  . DG  B 2 9  ? -17.483 -5.203  0.957   1.00 89.56  ? 19  DG  B "O5'"  1 
ATOM   398 C "C5'"  . DG  B 2 9  ? -17.950 -5.160  -0.376  1.00 107.93 ? 19  DG  B "C5'"  1 
ATOM   399 C "C4'"  . DG  B 2 9  ? -17.960 -3.745  -0.913  1.00 102.67 ? 19  DG  B "C4'"  1 
ATOM   400 O "O4'"  . DG  B 2 9  ? -16.625 -3.182  -0.830  1.00 97.39  ? 19  DG  B "O4'"  1 
ATOM   401 C "C3'"  . DG  B 2 9  ? -18.369 -3.643  -2.376  1.00 109.19 ? 19  DG  B "C3'"  1 
ATOM   402 O "O3'"  . DG  B 2 9  ? -19.766 -3.371  -2.463  1.00 116.95 ? 19  DG  B "O3'"  1 
ATOM   403 C "C2'"  . DG  B 2 9  ? -17.533 -2.475  -2.894  1.00 109.36 ? 19  DG  B "C2'"  1 
ATOM   404 C "C1'"  . DG  B 2 9  ? -16.259 -2.606  -2.073  1.00 96.01  ? 19  DG  B "C1'"  1 
ATOM   405 N N9     . DG  B 2 9  ? -15.226 -3.444  -2.690  1.00 86.42  ? 19  DG  B N9     1 
ATOM   406 C C8     . DG  B 2 9  ? -14.917 -4.749  -2.371  1.00 94.28  ? 19  DG  B C8     1 
ATOM   407 N N7     . DG  B 2 9  ? -13.924 -5.237  -3.070  1.00 86.27  ? 19  DG  B N7     1 
ATOM   408 C C5     . DG  B 2 9  ? -13.548 -4.188  -3.904  1.00 87.34  ? 19  DG  B C5     1 
ATOM   409 C C6     . DG  B 2 9  ? -12.529 -4.123  -4.882  1.00 88.96  ? 19  DG  B C6     1 
ATOM   410 O O6     . DG  B 2 9  ? -11.742 -5.009  -5.224  1.00 93.63  ? 19  DG  B O6     1 
ATOM   411 N N1     . DG  B 2 9  ? -12.482 -2.881  -5.505  1.00 88.23  ? 19  DG  B N1     1 
ATOM   412 C C2     . DG  B 2 9  ? -13.315 -1.826  -5.214  1.00 85.89  ? 19  DG  B C2     1 
ATOM   413 N N2     . DG  B 2 9  ? -13.118 -0.704  -5.923  1.00 81.65  ? 19  DG  B N2     1 
ATOM   414 N N3     . DG  B 2 9  ? -14.274 -1.867  -4.291  1.00 78.76  ? 19  DG  B N3     1 
ATOM   415 C C4     . DG  B 2 9  ? -14.336 -3.075  -3.680  1.00 79.37  ? 19  DG  B C4     1 
HETATM 416 K K      . K   C 3 .  ? 10.802  5.973   5.560   1.00 152.67 ? 101 K   A K      1 
# 
